data_6PEH
#
_entry.id   6PEH
#
_cell.length_a   71.799
_cell.length_b   98.610
_cell.length_c   162.983
_cell.angle_alpha   90.00
_cell.angle_beta   90.00
_cell.angle_gamma   90.00
#
_symmetry.space_group_name_H-M   'P 2 21 21'
#
loop_
_entity.id
_entity.type
_entity.pdbx_description
1 polymer '1C2 Fab Heavy Chain'
2 polymer '1C2 Fab Light Chain'
3 non-polymer 'SULFATE ION'
4 water water
#
loop_
_entity_poly.entity_id
_entity_poly.type
_entity_poly.pdbx_seq_one_letter_code
_entity_poly.pdbx_strand_id
1 'polypeptide(L)'
;(PCA)SLEESGGDLVKPGASLTLTCTASGFSFGWNDYMSWVRQAPGKGLEWIGCIYAGSTRSTYYANWAKGRLTISKTSS
TAVTLQMTSLTAADTATYFCARGAVTYDGLGGAYLKHFNLWGPGTLVTVSSGQPKAPSVFPLAPCCGDTPSSTVTLGCLV
KGYLPEPVTVTWNSGTLTNGVRTFPSVRQSSGLYSLSSVVSVTSSSQPVTCNVAHPATNTKVDKTVAPSTCSKHHHHHHH
H
;
H,A
2 'polypeptide(L)'
;AIKMTQTPSSVSAAVGGTVTVNCRASEDIESYLAWYQQKPGQPPKLLIYDTSKLASGVPSRFKGSGSGTQFALTISGVQC
DDAATYYCLYGYISSDRIDFGFGGGTELVVKGDPVAPSVLIFPPAADQVATGTVTIVCVANKYFPDVTVTWEVDGTTQTT
GIENSKTPQNSADCTYNLSSTLTLTSTQYNSHKEYTCKVTQGTTSVVQSFNRGDC
;
L,B
#
# COMPACT_ATOMS: atom_id res chain seq x y z
N SER A 2 -1.27 7.39 -6.20
CA SER A 2 -0.35 8.05 -5.28
C SER A 2 0.52 9.09 -5.99
N LEU A 3 1.14 9.93 -5.18
CA LEU A 3 2.07 10.95 -5.64
C LEU A 3 3.36 10.85 -4.85
N GLU A 4 4.49 11.09 -5.52
CA GLU A 4 5.79 11.08 -4.86
C GLU A 4 6.62 12.25 -5.39
N GLU A 5 7.06 13.11 -4.47
CA GLU A 5 7.93 14.21 -4.84
C GLU A 5 9.39 13.77 -4.77
N SER A 6 10.19 14.27 -5.71
CA SER A 6 11.61 14.00 -5.75
C SER A 6 12.34 15.28 -6.13
N GLY A 7 13.63 15.32 -5.81
CA GLY A 7 14.49 16.41 -6.19
C GLY A 7 14.99 17.25 -5.05
N GLY A 8 14.42 17.13 -3.86
CA GLY A 8 14.89 17.90 -2.73
C GLY A 8 16.37 17.67 -2.50
N ASP A 9 17.09 18.75 -2.18
CA ASP A 9 18.54 18.67 -2.05
C ASP A 9 19.03 19.87 -1.26
N LEU A 10 20.28 19.77 -0.81
CA LEU A 10 20.96 20.90 -0.21
C LEU A 10 21.60 21.74 -1.31
N VAL A 11 21.33 23.04 -1.29
CA VAL A 11 21.84 23.96 -2.30
C VAL A 11 22.25 25.27 -1.64
N LYS A 12 23.11 25.99 -2.34
CA LYS A 12 23.67 27.24 -1.85
C LYS A 12 22.70 28.38 -2.12
N PRO A 13 22.77 29.47 -1.37
CA PRO A 13 21.99 30.66 -1.71
C PRO A 13 22.31 31.10 -3.14
N GLY A 14 21.26 31.46 -3.88
CA GLY A 14 21.39 31.92 -5.25
C GLY A 14 21.15 30.86 -6.29
N ALA A 15 21.14 29.59 -5.89
CA ALA A 15 21.06 28.51 -6.85
C ALA A 15 19.63 28.33 -7.35
N SER A 16 19.49 27.48 -8.37
CA SER A 16 18.21 27.02 -8.86
C SER A 16 18.05 25.53 -8.57
N LEU A 17 16.80 25.09 -8.50
CA LEU A 17 16.53 23.70 -8.19
C LEU A 17 15.19 23.33 -8.81
N THR A 18 15.13 22.14 -9.39
CA THR A 18 13.89 21.61 -9.96
C THR A 18 13.43 20.41 -9.15
N LEU A 19 12.17 20.44 -8.73
CA LEU A 19 11.54 19.33 -8.05
C LEU A 19 10.54 18.67 -9.00
N THR A 20 10.31 17.37 -8.84
CA THR A 20 9.36 16.66 -9.67
C THR A 20 8.33 15.96 -8.81
N CYS A 21 7.10 15.88 -9.35
CA CYS A 21 5.99 15.18 -8.73
C CYS A 21 5.52 14.12 -9.71
N THR A 22 5.72 12.85 -9.36
CA THR A 22 5.41 11.73 -10.23
C THR A 22 4.14 11.04 -9.75
N ALA A 23 3.20 10.82 -10.67
CA ALA A 23 1.97 10.11 -10.35
C ALA A 23 2.16 8.62 -10.53
N SER A 24 1.52 7.84 -9.67
CA SER A 24 1.48 6.39 -9.80
C SER A 24 0.05 5.92 -9.66
N GLY A 25 -0.33 4.95 -10.50
CA GLY A 25 -1.67 4.42 -10.47
C GLY A 25 -2.72 5.34 -11.06
N PHE A 26 -2.30 6.32 -11.85
CA PHE A 26 -3.20 7.23 -12.56
C PHE A 26 -2.31 8.18 -13.35
N SER A 27 -2.94 9.04 -14.14
CA SER A 27 -2.21 10.00 -14.95
C SER A 27 -2.82 11.38 -14.80
N PHE A 28 -1.98 12.40 -15.03
CA PHE A 28 -2.40 13.79 -14.92
C PHE A 28 -3.33 14.12 -16.09
N GLY A 29 -4.59 14.43 -15.78
CA GLY A 29 -5.61 14.61 -16.79
C GLY A 29 -6.33 15.94 -16.62
N TRP A 30 -7.28 16.17 -17.53
CA TRP A 30 -8.01 17.43 -17.63
C TRP A 30 -8.92 17.70 -16.44
N ASN A 31 -9.03 16.78 -15.48
CA ASN A 31 -9.74 17.04 -14.23
C ASN A 31 -8.81 17.45 -13.10
N ASP A 32 -7.52 17.61 -13.39
CA ASP A 32 -6.50 17.77 -12.35
C ASP A 32 -5.84 19.13 -12.48
N TYR A 33 -5.88 19.90 -11.40
CA TYR A 33 -4.99 21.03 -11.19
C TYR A 33 -3.95 20.58 -10.18
N MET A 34 -2.73 20.34 -10.63
CA MET A 34 -1.65 19.90 -9.75
C MET A 34 -1.02 21.11 -9.10
N SER A 35 -1.08 21.17 -7.78
CA SER A 35 -0.56 22.29 -7.01
C SER A 35 0.69 21.88 -6.25
N TRP A 36 1.58 22.85 -6.06
CA TRP A 36 2.70 22.71 -5.14
C TRP A 36 2.40 23.48 -3.86
N VAL A 37 2.75 22.88 -2.73
CA VAL A 37 2.52 23.46 -1.42
C VAL A 37 3.79 23.21 -0.60
N ARG A 38 4.17 24.19 0.20
CA ARG A 38 5.38 24.06 1.00
C ARG A 38 5.11 24.46 2.45
N GLN A 39 6.03 24.03 3.31
CA GLN A 39 5.91 24.23 4.76
C GLN A 39 7.32 24.36 5.30
N ALA A 40 7.68 25.56 5.77
CA ALA A 40 8.97 25.76 6.39
C ALA A 40 9.00 25.09 7.77
N PRO A 41 10.18 24.69 8.24
CA PRO A 41 10.25 23.94 9.50
C PRO A 41 9.53 24.62 10.65
N GLY A 42 8.51 23.95 11.18
CA GLY A 42 7.76 24.47 12.30
C GLY A 42 6.77 25.57 11.97
N LYS A 43 6.52 25.85 10.69
CA LYS A 43 5.63 26.92 10.27
C LYS A 43 4.41 26.32 9.56
N GLY A 44 3.57 27.19 9.01
CA GLY A 44 2.33 26.78 8.38
C GLY A 44 2.46 26.48 6.90
N LEU A 45 1.35 26.02 6.33
CA LEU A 45 1.29 25.69 4.92
C LEU A 45 1.22 26.95 4.07
N GLU A 46 1.88 26.90 2.91
CA GLU A 46 1.92 28.04 1.99
C GLU A 46 1.74 27.51 0.58
N TRP A 47 0.68 27.98 -0.09
CA TRP A 47 0.42 27.60 -1.47
C TRP A 47 1.41 28.30 -2.41
N ILE A 48 1.95 27.53 -3.35
CA ILE A 48 2.93 28.04 -4.31
C ILE A 48 2.26 28.36 -5.64
N GLY A 49 1.46 27.44 -6.15
CA GLY A 49 0.91 27.57 -7.48
C GLY A 49 0.36 26.24 -7.94
N CYS A 50 -0.29 26.28 -9.10
CA CYS A 50 -0.89 25.09 -9.68
C CYS A 50 -0.83 25.19 -11.19
N ILE A 51 -0.85 24.02 -11.83
CA ILE A 51 -0.86 23.91 -13.29
C ILE A 51 -2.04 23.04 -13.69
N TYR A 52 -2.77 23.49 -14.71
CA TYR A 52 -3.87 22.73 -15.26
C TYR A 52 -3.32 21.65 -16.18
N ALA A 53 -3.64 20.39 -15.88
CA ALA A 53 -3.02 19.25 -16.56
C ALA A 53 -3.59 18.98 -17.95
N GLY A 54 -4.61 19.73 -18.37
CA GLY A 54 -5.18 19.54 -19.70
C GLY A 54 -4.87 20.70 -20.63
N SER A 58 -1.49 25.49 -18.64
CA SER A 58 -1.52 26.88 -18.22
C SER A 58 -1.43 26.98 -16.70
N THR A 59 -0.70 27.96 -16.20
CA THR A 59 -0.23 27.98 -14.82
C THR A 59 -0.85 29.12 -14.03
N TYR A 60 -0.84 28.95 -12.71
CA TYR A 60 -1.40 29.91 -11.75
C TYR A 60 -0.47 29.96 -10.55
N TYR A 61 0.15 31.12 -10.32
CA TYR A 61 1.12 31.30 -9.24
C TYR A 61 0.59 32.26 -8.19
N ALA A 62 1.03 32.03 -6.95
CA ALA A 62 0.81 33.00 -5.89
C ALA A 62 1.63 34.26 -6.16
N ASN A 63 1.16 35.38 -5.61
CA ASN A 63 1.78 36.67 -5.90
C ASN A 63 3.23 36.73 -5.46
N TRP A 64 3.59 36.05 -4.37
CA TRP A 64 4.97 36.07 -3.90
C TRP A 64 5.89 35.19 -4.71
N ALA A 65 5.33 34.28 -5.52
CA ALA A 65 6.10 33.33 -6.31
C ALA A 65 6.22 33.75 -7.76
N LYS A 66 5.16 34.33 -8.34
CA LYS A 66 5.17 34.72 -9.75
C LYS A 66 6.36 35.61 -10.05
N GLY A 67 7.19 35.18 -10.99
CA GLY A 67 8.38 35.91 -11.39
C GLY A 67 9.69 35.25 -10.99
N ARG A 68 9.66 34.23 -10.13
CA ARG A 68 10.88 33.58 -9.70
C ARG A 68 10.81 32.06 -9.68
N LEU A 69 9.65 31.47 -9.97
CA LEU A 69 9.56 30.03 -10.07
C LEU A 69 8.52 29.70 -11.14
N THR A 70 8.61 28.48 -11.65
CA THR A 70 7.81 28.02 -12.78
C THR A 70 7.34 26.60 -12.50
N ILE A 71 6.09 26.32 -12.87
CA ILE A 71 5.50 24.99 -12.82
C ILE A 71 5.27 24.54 -14.25
N SER A 72 5.61 23.29 -14.54
CA SER A 72 5.48 22.74 -15.89
C SER A 72 4.91 21.32 -15.80
N LYS A 73 4.43 20.85 -16.95
CA LYS A 73 3.98 19.47 -17.12
C LYS A 73 4.88 18.83 -18.18
N THR A 74 5.70 17.87 -17.75
CA THR A 74 6.61 17.18 -18.66
C THR A 74 5.92 16.03 -19.38
N SER A 75 5.08 15.28 -18.67
CA SER A 75 4.48 14.07 -19.20
C SER A 75 3.05 14.00 -18.69
N SER A 76 2.44 12.82 -18.84
CA SER A 76 1.18 12.51 -18.20
C SER A 76 1.38 11.99 -16.78
N THR A 77 2.63 11.80 -16.36
CA THR A 77 2.95 11.27 -15.03
C THR A 77 3.73 12.26 -14.16
N ALA A 78 4.23 13.35 -14.71
CA ALA A 78 5.18 14.19 -13.99
C ALA A 78 4.86 15.66 -14.22
N VAL A 79 4.97 16.44 -13.14
CA VAL A 79 5.00 17.89 -13.21
C VAL A 79 6.21 18.36 -12.40
N THR A 80 6.68 19.56 -12.71
CA THR A 80 7.93 20.07 -12.17
C THR A 80 7.71 21.44 -11.54
N LEU A 81 8.60 21.77 -10.60
CA LEU A 81 8.67 23.08 -9.97
C LEU A 81 10.09 23.59 -10.13
N GLN A 82 10.26 24.64 -10.93
CA GLN A 82 11.57 25.22 -11.19
C GLN A 82 11.69 26.49 -10.37
N MET A 83 12.61 26.50 -9.41
CA MET A 83 12.80 27.62 -8.51
C MET A 83 14.16 28.27 -8.74
N THR A 84 14.18 29.60 -8.73
CA THR A 84 15.37 30.38 -9.03
C THR A 84 15.70 31.27 -7.85
N SER A 85 16.94 31.76 -7.82
CA SER A 85 17.48 32.55 -6.72
C SER A 85 16.95 32.09 -5.36
N LEU A 86 17.22 30.83 -5.01
CA LEU A 86 16.78 30.31 -3.72
C LEU A 86 17.49 31.04 -2.57
N THR A 87 16.78 31.16 -1.45
CA THR A 87 17.34 31.71 -0.22
C THR A 87 16.90 30.83 0.95
N ALA A 88 17.39 31.16 2.14
CA ALA A 88 17.05 30.39 3.34
C ALA A 88 15.55 30.39 3.61
N ALA A 89 14.84 31.42 3.17
CA ALA A 89 13.39 31.44 3.34
C ALA A 89 12.70 30.39 2.49
N ASP A 90 13.42 29.73 1.59
CA ASP A 90 12.86 28.64 0.79
C ASP A 90 13.14 27.27 1.38
N THR A 91 13.94 27.18 2.44
CA THR A 91 14.09 25.93 3.17
C THR A 91 12.74 25.47 3.69
N ALA A 92 12.29 24.29 3.22
CA ALA A 92 10.98 23.81 3.56
C ALA A 92 10.79 22.40 3.00
N THR A 93 9.67 21.78 3.39
CA THR A 93 9.15 20.60 2.73
C THR A 93 8.21 21.04 1.63
N TYR A 94 8.36 20.44 0.45
CA TYR A 94 7.56 20.80 -0.72
C TYR A 94 6.68 19.62 -1.08
N PHE A 95 5.37 19.78 -0.90
CA PHE A 95 4.39 18.76 -1.24
C PHE A 95 3.78 19.02 -2.60
N CYS A 96 3.32 17.95 -3.22
N CYS A 96 3.31 17.97 -3.26
CA CYS A 96 2.49 17.96 -4.41
CA CYS A 96 2.48 18.11 -4.45
C CYS A 96 1.08 17.55 -4.00
C CYS A 96 1.13 17.46 -4.19
N ALA A 97 0.07 18.17 -4.59
CA ALA A 97 -1.31 17.83 -4.25
C ALA A 97 -2.17 17.86 -5.50
N ARG A 98 -3.07 16.89 -5.59
CA ARG A 98 -3.99 16.80 -6.73
C ARG A 98 -5.27 17.53 -6.38
N GLY A 99 -5.57 18.57 -7.15
CA GLY A 99 -6.69 19.46 -6.86
C GLY A 99 -7.85 19.21 -7.80
N ALA A 100 -9.06 19.30 -7.24
CA ALA A 100 -10.30 19.28 -7.99
C ALA A 100 -11.02 20.60 -7.79
N VAL A 101 -11.56 21.15 -8.87
CA VAL A 101 -12.11 22.50 -8.84
C VAL A 101 -13.59 22.47 -9.19
N THR A 102 -14.29 23.50 -8.69
CA THR A 102 -15.68 23.76 -9.02
C THR A 102 -15.74 25.03 -9.87
N TYR A 103 -16.18 24.90 -11.11
CA TYR A 103 -16.16 26.02 -12.05
C TYR A 103 -17.25 27.03 -11.73
N ASP A 104 -16.99 28.28 -12.09
CA ASP A 104 -17.84 29.39 -11.73
C ASP A 104 -18.89 29.71 -12.79
N GLY A 105 -18.62 29.37 -14.04
CA GLY A 105 -19.48 29.76 -15.14
C GLY A 105 -19.11 31.08 -15.78
N LEU A 106 -18.22 31.86 -15.16
CA LEU A 106 -17.77 33.13 -15.70
C LEU A 106 -16.32 33.10 -16.13
N GLY A 107 -15.67 31.94 -16.09
CA GLY A 107 -14.28 31.82 -16.41
C GLY A 107 -13.36 31.60 -15.22
N GLY A 108 -13.92 31.41 -14.02
CA GLY A 108 -13.14 31.16 -12.83
C GLY A 108 -13.42 29.78 -12.26
N ALA A 109 -12.58 29.38 -11.31
CA ALA A 109 -12.70 28.08 -10.67
C ALA A 109 -12.30 28.20 -9.21
N TYR A 110 -13.07 27.54 -8.34
CA TYR A 110 -12.81 27.50 -6.92
C TYR A 110 -12.24 26.14 -6.54
N LEU A 111 -11.13 26.14 -5.82
CA LEU A 111 -10.54 24.91 -5.34
C LEU A 111 -11.54 24.16 -4.47
N LYS A 112 -11.93 22.95 -4.92
CA LYS A 112 -12.84 22.12 -4.13
C LYS A 112 -12.08 21.37 -3.05
N HIS A 113 -11.07 20.60 -3.42
CA HIS A 113 -10.28 19.90 -2.40
C HIS A 113 -8.98 19.39 -2.98
N PHE A 114 -8.02 19.17 -2.08
CA PHE A 114 -6.81 18.40 -2.35
C PHE A 114 -6.99 17.03 -1.69
N ASN A 115 -7.35 16.01 -2.48
CA ASN A 115 -7.63 14.70 -1.93
C ASN A 115 -6.46 13.74 -2.02
N LEU A 116 -5.34 14.17 -2.60
CA LEU A 116 -4.19 13.28 -2.75
C LEU A 116 -2.91 14.11 -2.59
N TRP A 117 -2.06 13.70 -1.65
CA TRP A 117 -0.81 14.37 -1.35
C TRP A 117 0.35 13.39 -1.43
N GLY A 118 1.45 13.82 -2.02
CA GLY A 118 2.70 13.12 -1.91
C GLY A 118 3.30 13.29 -0.53
N PRO A 119 4.33 12.51 -0.20
CA PRO A 119 4.91 12.61 1.14
C PRO A 119 5.80 13.82 1.34
N GLY A 120 6.22 14.49 0.28
CA GLY A 120 7.03 15.68 0.39
C GLY A 120 8.50 15.39 0.16
N THR A 121 9.20 16.40 -0.37
CA THR A 121 10.66 16.37 -0.51
C THR A 121 11.23 17.62 0.16
N LEU A 122 12.43 17.49 0.72
CA LEU A 122 13.04 18.55 1.51
C LEU A 122 14.02 19.37 0.68
N VAL A 123 13.83 20.68 0.69
CA VAL A 123 14.77 21.62 0.09
C VAL A 123 15.44 22.37 1.22
N THR A 124 16.77 22.34 1.24
CA THR A 124 17.56 23.04 2.25
C THR A 124 18.50 23.99 1.54
N VAL A 125 18.40 25.28 1.87
CA VAL A 125 19.22 26.32 1.26
C VAL A 125 20.18 26.83 2.32
N SER A 126 21.45 26.54 2.13
CA SER A 126 22.49 26.91 3.10
C SER A 126 23.83 26.92 2.39
N SER A 127 24.78 27.64 3.00
N SER A 127 24.78 27.64 3.00
CA SER A 127 26.13 27.70 2.48
CA SER A 127 26.14 27.69 2.47
C SER A 127 26.98 26.51 2.91
C SER A 127 26.99 26.51 2.91
N GLY A 128 26.53 25.73 3.89
CA GLY A 128 27.32 24.62 4.37
C GLY A 128 27.33 23.44 3.41
N GLN A 129 28.34 22.61 3.56
CA GLN A 129 28.45 21.38 2.80
C GLN A 129 27.65 20.27 3.47
N PRO A 130 27.24 19.26 2.71
CA PRO A 130 26.68 18.06 3.35
C PRO A 130 27.65 17.50 4.37
N LYS A 131 27.08 16.98 5.46
CA LYS A 131 27.89 16.43 6.54
C LYS A 131 27.15 15.23 7.12
N ALA A 132 27.83 14.09 7.16
CA ALA A 132 27.24 12.89 7.72
C ALA A 132 27.20 13.01 9.25
N PRO A 133 26.22 12.36 9.88
CA PRO A 133 26.13 12.44 11.34
C PRO A 133 27.20 11.62 12.04
N SER A 134 27.57 12.06 13.24
CA SER A 134 28.33 11.23 14.18
C SER A 134 27.35 10.53 15.09
N VAL A 135 27.55 9.22 15.28
CA VAL A 135 26.64 8.38 16.06
C VAL A 135 27.37 7.92 17.31
N PHE A 136 26.78 8.18 18.48
CA PHE A 136 27.34 7.81 19.77
C PHE A 136 26.33 7.02 20.58
N PRO A 137 26.76 5.96 21.28
CA PRO A 137 25.83 5.21 22.12
C PRO A 137 25.40 6.01 23.34
N LEU A 138 24.14 5.86 23.70
CA LEU A 138 23.59 6.37 24.95
C LEU A 138 23.34 5.20 25.88
N ALA A 139 24.02 5.19 27.03
CA ALA A 139 23.92 4.12 28.01
C ALA A 139 24.03 4.71 29.40
N PRO A 140 23.37 4.11 30.40
CA PRO A 140 23.51 4.62 31.77
C PRO A 140 24.95 4.56 32.25
N CYS A 141 25.31 5.49 33.14
CA CYS A 141 26.70 5.61 33.56
C CYS A 141 27.23 4.30 34.13
N CYS A 142 28.51 4.03 33.85
CA CYS A 142 29.08 2.73 34.21
C CYS A 142 29.11 2.53 35.71
N GLY A 143 29.29 3.61 36.49
CA GLY A 143 29.36 3.50 37.92
C GLY A 143 28.01 3.44 38.61
N ASP A 144 27.09 2.67 38.05
CA ASP A 144 25.78 2.44 38.64
C ASP A 144 25.49 0.94 38.62
N THR A 145 24.68 0.52 39.58
CA THR A 145 24.29 -0.89 39.65
C THR A 145 23.21 -1.16 38.60
N PRO A 146 23.45 -2.04 37.63
CA PRO A 146 22.43 -2.29 36.60
C PRO A 146 21.17 -2.88 37.22
N SER A 147 20.04 -2.63 36.56
CA SER A 147 18.74 -3.07 37.04
C SER A 147 18.12 -4.05 36.06
N SER A 148 16.98 -4.61 36.48
CA SER A 148 16.18 -5.49 35.64
C SER A 148 16.13 -5.01 34.20
N THR A 149 15.53 -3.84 33.99
CA THR A 149 15.37 -3.27 32.67
C THR A 149 16.35 -2.12 32.47
N VAL A 150 16.57 -1.75 31.20
CA VAL A 150 17.50 -0.70 30.87
C VAL A 150 17.05 -0.03 29.58
N THR A 151 17.22 1.28 29.51
CA THR A 151 16.95 2.05 28.29
C THR A 151 18.28 2.46 27.66
N LEU A 152 18.45 2.12 26.39
CA LEU A 152 19.63 2.45 25.61
C LEU A 152 19.23 3.33 24.43
N GLY A 153 20.23 3.91 23.77
CA GLY A 153 19.93 4.77 22.63
C GLY A 153 21.17 5.12 21.83
N CYS A 154 20.96 5.97 20.83
N CYS A 154 20.98 5.98 20.83
CA CYS A 154 22.02 6.49 19.98
CA CYS A 154 22.08 6.47 20.01
C CYS A 154 21.81 7.99 19.82
C CYS A 154 21.86 7.94 19.72
N LEU A 155 22.89 8.75 19.96
CA LEU A 155 22.88 10.17 19.65
C LEU A 155 23.36 10.37 18.22
N VAL A 156 22.56 11.05 17.41
CA VAL A 156 22.87 11.29 15.99
C VAL A 156 23.14 12.78 15.84
N LYS A 157 24.41 13.14 15.70
CA LYS A 157 24.85 14.50 15.96
C LYS A 157 25.55 15.12 14.75
N GLY A 158 25.14 16.34 14.40
CA GLY A 158 25.93 17.20 13.53
C GLY A 158 25.91 16.86 12.06
N TYR A 159 24.71 16.76 11.48
CA TYR A 159 24.53 16.37 10.10
C TYR A 159 23.77 17.44 9.35
N LEU A 160 23.91 17.40 8.04
CA LEU A 160 23.26 18.34 7.14
C LEU A 160 23.23 17.72 5.75
N PRO A 161 22.12 17.79 4.98
CA PRO A 161 20.80 18.28 5.37
C PRO A 161 19.99 17.22 6.09
N GLU A 162 18.79 17.57 6.54
CA GLU A 162 17.83 16.56 6.94
C GLU A 162 17.42 15.75 5.71
N PRO A 163 16.88 14.54 5.91
CA PRO A 163 16.66 13.85 7.18
C PRO A 163 17.64 12.72 7.45
N VAL A 164 17.64 12.23 8.67
CA VAL A 164 18.20 10.93 9.00
C VAL A 164 17.05 10.03 9.39
N THR A 165 17.19 8.73 9.11
CA THR A 165 16.25 7.72 9.58
C THR A 165 16.96 6.82 10.56
N VAL A 166 16.23 6.37 11.58
CA VAL A 166 16.80 5.54 12.62
C VAL A 166 15.88 4.34 12.83
N THR A 167 16.42 3.14 12.64
CA THR A 167 15.75 1.90 13.01
C THR A 167 16.58 1.20 14.08
N TRP A 168 15.96 0.21 14.71
CA TRP A 168 16.61 -0.60 15.72
C TRP A 168 16.58 -2.05 15.25
N ASN A 169 17.71 -2.74 15.39
CA ASN A 169 17.87 -4.11 14.92
C ASN A 169 17.22 -4.28 13.55
N SER A 170 17.60 -3.40 12.64
CA SER A 170 17.20 -3.48 11.23
C SER A 170 15.69 -3.51 11.05
N GLY A 171 14.93 -3.00 12.02
CA GLY A 171 13.49 -2.87 11.89
C GLY A 171 12.69 -3.87 12.70
N THR A 172 13.32 -4.91 13.26
CA THR A 172 12.58 -5.89 14.04
C THR A 172 12.22 -5.39 15.42
N LEU A 173 12.88 -4.33 15.89
CA LEU A 173 12.69 -3.80 17.24
C LEU A 173 11.95 -2.47 17.12
N THR A 174 10.71 -2.44 17.61
CA THR A 174 9.87 -1.27 17.42
C THR A 174 9.17 -0.85 18.71
N ASN A 175 8.80 -1.82 19.55
CA ASN A 175 8.05 -1.52 20.76
C ASN A 175 8.99 -0.96 21.82
N GLY A 176 8.69 0.24 22.30
CA GLY A 176 9.53 0.93 23.27
C GLY A 176 10.50 1.92 22.68
N VAL A 177 10.37 2.27 21.40
CA VAL A 177 11.31 3.14 20.72
C VAL A 177 10.77 4.56 20.72
N ARG A 178 11.60 5.52 21.12
CA ARG A 178 11.30 6.93 21.01
C ARG A 178 12.41 7.60 20.20
N THR A 179 12.05 8.13 19.04
CA THR A 179 12.96 8.89 18.19
C THR A 179 12.47 10.34 18.14
N PHE A 180 13.24 11.24 18.75
CA PHE A 180 12.77 12.60 18.94
C PHE A 180 12.93 13.44 17.67
N PRO A 181 12.17 14.53 17.56
CA PRO A 181 12.31 15.41 16.38
C PRO A 181 13.68 16.06 16.32
N SER A 182 14.22 16.18 15.11
CA SER A 182 15.50 16.84 14.90
C SER A 182 15.44 18.29 15.38
N VAL A 183 16.56 18.77 15.90
CA VAL A 183 16.73 20.16 16.31
C VAL A 183 17.91 20.74 15.54
N ARG A 184 17.73 21.96 15.03
CA ARG A 184 18.79 22.66 14.32
C ARG A 184 19.59 23.50 15.31
N GLN A 185 20.89 23.26 15.37
CA GLN A 185 21.78 23.96 16.28
C GLN A 185 22.24 25.29 15.68
N SER A 186 22.83 26.13 16.53
CA SER A 186 23.39 27.42 16.14
C SER A 186 24.20 27.31 14.86
N SER A 187 25.01 26.26 14.74
CA SER A 187 25.91 26.11 13.60
C SER A 187 25.18 25.76 12.31
N GLY A 188 23.86 25.56 12.34
CA GLY A 188 23.12 25.13 11.17
C GLY A 188 23.02 23.62 11.01
N LEU A 189 23.77 22.85 11.78
CA LEU A 189 23.71 21.40 11.72
C LEU A 189 22.55 20.89 12.57
N TYR A 190 22.11 19.67 12.26
CA TYR A 190 21.00 19.05 12.96
C TYR A 190 21.48 17.93 13.87
N SER A 191 20.62 17.59 14.83
N SER A 191 20.65 17.60 14.85
CA SER A 191 20.93 16.54 15.80
CA SER A 191 20.93 16.52 15.79
C SER A 191 19.62 15.95 16.31
C SER A 191 19.62 15.94 16.28
N LEU A 192 19.67 14.66 16.68
CA LEU A 192 18.54 14.00 17.29
C LEU A 192 19.06 12.78 18.06
N SER A 193 18.18 12.22 18.88
CA SER A 193 18.48 11.02 19.65
C SER A 193 17.33 10.03 19.48
N SER A 194 17.66 8.76 19.68
CA SER A 194 16.68 7.69 19.69
C SER A 194 16.98 6.80 20.88
N VAL A 195 15.95 6.53 21.71
CA VAL A 195 16.08 5.67 22.86
C VAL A 195 15.13 4.48 22.71
N VAL A 196 15.49 3.36 23.33
CA VAL A 196 14.69 2.15 23.31
C VAL A 196 14.87 1.45 24.64
N SER A 197 13.81 0.79 25.10
CA SER A 197 13.80 0.12 26.39
C SER A 197 13.75 -1.38 26.20
N VAL A 198 14.57 -2.09 26.98
CA VAL A 198 14.71 -3.54 26.88
C VAL A 198 15.07 -4.08 28.26
N THR A 199 15.08 -5.41 28.37
CA THR A 199 15.39 -6.10 29.62
C THR A 199 16.78 -6.72 29.57
N SER A 200 16.97 -7.76 28.76
CA SER A 200 18.22 -8.50 28.72
C SER A 200 19.28 -7.76 27.91
N PRO A 204 22.50 -7.80 22.92
CA PRO A 204 22.58 -6.35 22.74
C PRO A 204 21.68 -5.83 21.62
N VAL A 205 21.68 -4.51 21.42
CA VAL A 205 20.80 -3.85 20.48
C VAL A 205 21.61 -2.97 19.55
N THR A 206 21.07 -2.74 18.34
CA THR A 206 21.79 -2.04 17.30
C THR A 206 20.90 -0.96 16.68
N CYS A 207 21.34 0.29 16.76
N CYS A 207 21.39 0.27 16.68
CA CYS A 207 20.68 1.37 16.06
CA CYS A 207 20.69 1.41 16.09
C CYS A 207 21.25 1.47 14.66
C CYS A 207 21.25 1.67 14.69
N ASN A 208 20.37 1.61 13.69
CA ASN A 208 20.76 1.75 12.28
C ASN A 208 20.37 3.15 11.83
N VAL A 209 21.37 3.94 11.45
CA VAL A 209 21.17 5.33 11.07
C VAL A 209 21.48 5.45 9.59
N ALA A 210 20.53 5.99 8.83
CA ALA A 210 20.69 6.25 7.42
C ALA A 210 20.66 7.75 7.18
N HIS A 211 21.65 8.26 6.43
CA HIS A 211 21.70 9.66 6.01
C HIS A 211 21.77 9.65 4.48
N PRO A 212 20.62 9.66 3.79
CA PRO A 212 20.66 9.52 2.32
C PRO A 212 21.55 10.53 1.62
N ALA A 213 21.59 11.78 2.10
CA ALA A 213 22.23 12.84 1.33
C ALA A 213 23.74 12.71 1.30
N THR A 214 24.34 11.94 2.22
CA THR A 214 25.74 11.59 2.14
C THR A 214 25.94 10.12 1.79
N ASN A 215 24.88 9.41 1.41
CA ASN A 215 24.97 8.01 1.04
C ASN A 215 25.62 7.19 2.16
N THR A 216 25.17 7.43 3.38
CA THR A 216 25.77 6.87 4.58
C THR A 216 24.75 6.03 5.34
N LYS A 217 25.22 4.90 5.85
CA LYS A 217 24.47 4.11 6.83
C LYS A 217 25.44 3.71 7.93
N VAL A 218 25.05 3.91 9.18
CA VAL A 218 25.86 3.58 10.34
C VAL A 218 25.08 2.65 11.25
N ASP A 219 25.72 1.58 11.69
CA ASP A 219 25.18 0.65 12.69
C ASP A 219 26.05 0.72 13.93
N LYS A 220 25.46 1.10 15.05
CA LYS A 220 26.13 1.13 16.35
C LYS A 220 25.46 0.12 17.26
N THR A 221 26.22 -0.85 17.74
CA THR A 221 25.73 -1.81 18.73
C THR A 221 25.97 -1.21 20.11
N VAL A 222 24.91 -1.10 20.90
CA VAL A 222 24.95 -0.43 22.19
C VAL A 222 24.82 -1.49 23.29
N ALA A 223 25.69 -1.41 24.29
CA ALA A 223 25.60 -2.27 25.45
C ALA A 223 25.76 -1.44 26.72
N PRO A 224 25.10 -1.82 27.81
CA PRO A 224 25.30 -1.10 29.07
C PRO A 224 26.72 -1.30 29.59
N SER A 225 27.34 -0.21 30.02
CA SER A 225 28.71 -0.25 30.51
C SER A 225 28.71 -0.54 32.01
N THR A 226 29.55 -1.49 32.43
CA THR A 226 29.67 -1.85 33.84
C THR A 226 30.88 -1.16 34.46
N ILE B 2 -6.32 38.23 -0.54
CA ILE B 2 -7.08 37.43 0.41
C ILE B 2 -6.21 37.09 1.62
N LYS B 3 -6.84 36.96 2.79
CA LYS B 3 -6.16 36.52 4.00
C LYS B 3 -7.10 35.66 4.84
N MET B 4 -6.61 34.49 5.24
CA MET B 4 -7.33 33.57 6.11
C MET B 4 -6.71 33.68 7.50
N THR B 5 -7.47 34.20 8.45
CA THR B 5 -7.01 34.37 9.83
C THR B 5 -7.74 33.36 10.72
N GLN B 6 -6.98 32.45 11.32
CA GLN B 6 -7.50 31.49 12.29
C GLN B 6 -7.14 31.98 13.69
N THR B 7 -8.16 32.18 14.53
CA THR B 7 -7.95 32.61 15.91
C THR B 7 -8.80 31.76 16.84
N PRO B 8 -8.23 31.15 17.89
CA PRO B 8 -6.83 31.24 18.34
C PRO B 8 -5.90 30.23 17.66
N SER B 9 -4.59 30.44 17.82
CA SER B 9 -3.59 29.59 17.21
C SER B 9 -3.39 28.28 17.96
N SER B 10 -3.91 28.16 19.18
CA SER B 10 -3.78 26.94 19.96
C SER B 10 -5.02 26.78 20.83
N VAL B 11 -5.57 25.57 20.85
CA VAL B 11 -6.77 25.26 21.62
C VAL B 11 -6.50 23.95 22.37
N SER B 12 -7.29 23.72 23.42
CA SER B 12 -7.14 22.52 24.22
C SER B 12 -8.49 22.07 24.76
N ALA B 13 -8.64 20.77 24.91
CA ALA B 13 -9.86 20.18 25.47
C ALA B 13 -9.56 18.80 26.02
N ALA B 14 -10.26 18.46 27.09
CA ALA B 14 -10.15 17.12 27.66
C ALA B 14 -10.66 16.08 26.68
N VAL B 15 -10.07 14.88 26.75
CA VAL B 15 -10.49 13.79 25.90
C VAL B 15 -11.99 13.58 26.04
N GLY B 16 -12.69 13.54 24.90
CA GLY B 16 -14.14 13.43 24.86
C GLY B 16 -14.86 14.76 24.71
N GLY B 17 -14.27 15.85 25.18
CA GLY B 17 -14.88 17.15 25.10
C GLY B 17 -15.07 17.66 23.68
N THR B 18 -15.19 18.97 23.52
CA THR B 18 -15.43 19.58 22.22
C THR B 18 -14.58 20.83 22.08
N VAL B 19 -14.05 21.04 20.87
CA VAL B 19 -13.30 22.26 20.53
C VAL B 19 -13.84 22.82 19.23
N THR B 20 -13.69 24.13 19.08
CA THR B 20 -14.04 24.83 17.85
C THR B 20 -12.85 25.64 17.37
N VAL B 21 -12.45 25.42 16.12
CA VAL B 21 -11.41 26.20 15.47
C VAL B 21 -12.08 27.20 14.53
N ASN B 22 -11.65 28.45 14.57
CA ASN B 22 -12.26 29.51 13.77
C ASN B 22 -11.36 29.89 12.60
N CYS B 23 -12.00 30.28 11.50
CA CYS B 23 -11.29 30.80 10.32
C CYS B 23 -12.09 31.99 9.79
N ARG B 24 -11.45 33.14 9.74
CA ARG B 24 -12.08 34.36 9.23
C ARG B 24 -11.46 34.71 7.88
N ALA B 25 -12.29 35.13 6.94
CA ALA B 25 -11.87 35.52 5.61
C ALA B 25 -11.92 37.03 5.46
N SER B 26 -10.88 37.60 4.85
CA SER B 26 -10.82 39.04 4.66
C SER B 26 -11.89 39.55 3.69
N GLU B 27 -12.47 38.66 2.88
CA GLU B 27 -13.52 39.03 1.94
C GLU B 27 -14.70 38.07 2.09
N ASP B 28 -15.69 38.20 1.21
CA ASP B 28 -16.82 37.28 1.16
C ASP B 28 -16.47 36.14 0.20
N ILE B 29 -16.39 34.92 0.72
CA ILE B 29 -15.99 33.76 -0.07
C ILE B 29 -17.12 32.73 -0.17
N GLU B 30 -18.34 33.10 0.19
CA GLU B 30 -19.50 32.23 -0.01
C GLU B 30 -19.36 30.93 0.77
N SER B 31 -18.98 29.84 0.08
CA SER B 31 -19.00 28.51 0.67
C SER B 31 -17.78 27.68 0.34
N TYR B 32 -16.86 28.17 -0.48
CA TYR B 32 -15.73 27.39 -0.97
C TYR B 32 -14.59 27.38 0.07
N LEU B 33 -14.89 26.83 1.25
CA LEU B 33 -13.90 26.68 2.30
C LEU B 33 -13.70 25.22 2.63
N ALA B 34 -12.45 24.84 2.84
CA ALA B 34 -12.08 23.48 3.18
C ALA B 34 -11.24 23.47 4.46
N TRP B 35 -11.29 22.34 5.16
CA TRP B 35 -10.52 22.13 6.38
C TRP B 35 -9.59 20.94 6.21
N TYR B 36 -8.43 21.01 6.85
CA TYR B 36 -7.39 20.01 6.70
C TYR B 36 -6.74 19.72 8.04
N GLN B 37 -6.25 18.48 8.18
CA GLN B 37 -5.58 18.02 9.38
C GLN B 37 -4.16 17.61 9.02
N GLN B 38 -3.19 18.05 9.82
CA GLN B 38 -1.79 17.69 9.59
C GLN B 38 -1.16 17.26 10.91
N LYS B 39 -0.53 16.08 10.89
CA LYS B 39 0.27 15.61 12.00
C LYS B 39 1.76 15.72 11.63
N PRO B 40 2.64 15.89 12.62
CA PRO B 40 4.06 16.08 12.28
C PRO B 40 4.61 14.96 11.42
N GLY B 41 5.35 15.34 10.37
CA GLY B 41 5.96 14.39 9.47
C GLY B 41 5.07 13.86 8.38
N GLN B 42 3.78 14.18 8.40
CA GLN B 42 2.84 13.69 7.40
C GLN B 42 2.31 14.85 6.56
N PRO B 43 1.96 14.61 5.30
CA PRO B 43 1.26 15.63 4.52
C PRO B 43 -0.09 15.95 5.14
N PRO B 44 -0.70 17.07 4.77
CA PRO B 44 -2.05 17.35 5.27
C PRO B 44 -3.07 16.36 4.72
N LYS B 45 -4.15 16.17 5.47
CA LYS B 45 -5.24 15.27 5.08
C LYS B 45 -6.54 16.05 5.08
N LEU B 46 -7.31 15.89 4.01
CA LEU B 46 -8.57 16.60 3.85
C LEU B 46 -9.61 16.10 4.84
N LEU B 47 -10.19 17.02 5.62
CA LEU B 47 -11.29 16.71 6.52
C LEU B 47 -12.64 17.10 5.94
N ILE B 48 -12.77 18.36 5.52
CA ILE B 48 -14.03 18.90 5.04
C ILE B 48 -13.74 19.75 3.81
N TYR B 49 -14.71 19.85 2.92
CA TYR B 49 -14.67 20.81 1.82
C TYR B 49 -16.07 21.35 1.58
N ASP B 50 -16.15 22.42 0.78
CA ASP B 50 -17.43 23.09 0.53
C ASP B 50 -18.13 23.42 1.85
N THR B 51 -17.34 23.87 2.82
CA THR B 51 -17.82 24.37 4.10
C THR B 51 -18.24 23.28 5.08
N SER B 52 -18.81 22.17 4.60
CA SER B 52 -19.45 21.24 5.52
C SER B 52 -19.47 19.79 5.02
N LYS B 53 -19.16 19.55 3.76
CA LYS B 53 -19.19 18.18 3.25
C LYS B 53 -18.03 17.36 3.81
N LEU B 54 -18.36 16.23 4.43
CA LEU B 54 -17.35 15.34 4.99
C LEU B 54 -16.65 14.55 3.89
N ALA B 55 -15.37 14.31 4.10
CA ALA B 55 -14.55 13.56 3.15
C ALA B 55 -14.67 12.06 3.42
N SER B 56 -14.36 11.27 2.39
CA SER B 56 -14.44 9.81 2.47
C SER B 56 -13.59 9.29 3.63
N GLY B 57 -14.25 8.74 4.66
CA GLY B 57 -13.57 8.09 5.75
C GLY B 57 -13.47 8.90 7.03
N VAL B 58 -13.97 10.13 7.05
CA VAL B 58 -13.82 10.99 8.22
C VAL B 58 -15.05 10.81 9.12
N PRO B 59 -14.89 10.66 10.43
CA PRO B 59 -16.05 10.48 11.30
C PRO B 59 -16.95 11.71 11.33
N SER B 60 -18.18 11.50 11.81
CA SER B 60 -19.13 12.59 11.94
C SER B 60 -18.80 13.52 13.10
N ARG B 61 -17.86 13.15 13.96
CA ARG B 61 -17.43 14.03 15.04
C ARG B 61 -16.83 15.33 14.52
N PHE B 62 -16.47 15.39 13.24
CA PHE B 62 -15.96 16.61 12.61
C PHE B 62 -17.10 17.29 11.86
N LYS B 63 -17.25 18.59 12.07
CA LYS B 63 -18.43 19.32 11.61
C LYS B 63 -18.02 20.67 11.06
N GLY B 64 -18.29 20.88 9.77
CA GLY B 64 -18.08 22.18 9.18
C GLY B 64 -19.23 23.13 9.44
N SER B 65 -18.99 24.43 9.22
CA SER B 65 -19.96 25.44 9.59
C SER B 65 -19.65 26.75 8.86
N GLY B 66 -20.61 27.66 8.93
CA GLY B 66 -20.39 29.04 8.54
C GLY B 66 -20.63 29.33 7.09
N SER B 67 -20.42 30.58 6.73
CA SER B 67 -20.60 31.06 5.36
C SER B 67 -20.02 32.47 5.27
N GLY B 68 -19.81 32.91 4.03
CA GLY B 68 -19.43 34.29 3.77
C GLY B 68 -18.06 34.69 4.26
N THR B 69 -17.97 35.08 5.53
CA THR B 69 -16.75 35.62 6.11
C THR B 69 -16.24 34.86 7.33
N GLN B 70 -17.11 34.13 8.02
CA GLN B 70 -16.73 33.43 9.25
C GLN B 70 -17.13 31.97 9.11
N PHE B 71 -16.18 31.08 9.39
CA PHE B 71 -16.40 29.64 9.34
C PHE B 71 -15.79 29.03 10.60
N ALA B 72 -16.13 27.77 10.85
CA ALA B 72 -15.61 27.09 12.03
C ALA B 72 -15.63 25.59 11.83
N LEU B 73 -14.66 24.92 12.47
CA LEU B 73 -14.58 23.47 12.50
C LEU B 73 -14.77 23.03 13.94
N THR B 74 -15.80 22.22 14.18
CA THR B 74 -16.15 21.74 15.51
C THR B 74 -15.79 20.27 15.61
N ILE B 75 -14.99 19.92 16.61
CA ILE B 75 -14.58 18.54 16.85
C ILE B 75 -15.27 18.09 18.13
N SER B 76 -16.24 17.18 17.99
CA SER B 76 -16.93 16.60 19.13
C SER B 76 -16.38 15.21 19.41
N GLY B 77 -16.36 14.84 20.68
CA GLY B 77 -15.81 13.57 21.08
C GLY B 77 -14.33 13.46 20.74
N VAL B 78 -13.57 14.47 21.13
CA VAL B 78 -12.14 14.49 20.81
C VAL B 78 -11.45 13.28 21.43
N GLN B 79 -10.52 12.70 20.68
CA GLN B 79 -9.65 11.64 21.17
C GLN B 79 -8.19 12.08 21.00
N CYS B 80 -7.29 11.34 21.64
CA CYS B 80 -5.87 11.68 21.56
C CYS B 80 -5.37 11.62 20.12
N ASP B 81 -5.97 10.77 19.28
CA ASP B 81 -5.60 10.69 17.89
C ASP B 81 -5.93 11.96 17.10
N ASP B 82 -6.76 12.84 17.67
CA ASP B 82 -7.11 14.08 17.00
C ASP B 82 -6.10 15.20 17.24
N ALA B 83 -5.23 15.05 18.24
CA ALA B 83 -4.17 16.03 18.47
C ALA B 83 -3.37 16.25 17.20
N ALA B 84 -3.39 17.48 16.70
CA ALA B 84 -2.76 17.81 15.43
C ALA B 84 -2.93 19.29 15.16
N THR B 85 -2.56 19.73 13.96
CA THR B 85 -2.76 21.11 13.53
C THR B 85 -3.79 21.15 12.40
N TYR B 86 -4.70 22.11 12.48
CA TYR B 86 -5.82 22.22 11.53
C TYR B 86 -5.72 23.51 10.74
N TYR B 87 -5.86 23.41 9.42
CA TYR B 87 -5.77 24.56 8.52
C TYR B 87 -7.05 24.72 7.73
N CYS B 88 -7.51 25.96 7.58
CA CYS B 88 -8.51 26.27 6.58
C CYS B 88 -7.83 26.67 5.28
N LEU B 89 -8.57 26.55 4.18
CA LEU B 89 -8.02 26.81 2.86
C LEU B 89 -9.13 27.27 1.92
N TYR B 90 -8.85 28.36 1.20
CA TYR B 90 -9.72 28.87 0.14
C TYR B 90 -8.88 29.12 -1.10
N GLY B 91 -9.46 28.83 -2.26
CA GLY B 91 -8.73 29.02 -3.50
C GLY B 91 -9.62 29.37 -4.67
N TYR B 92 -9.26 30.44 -5.38
CA TYR B 92 -9.93 30.86 -6.60
C TYR B 92 -8.87 31.18 -7.65
N ILE B 93 -9.08 30.67 -8.87
CA ILE B 93 -8.20 30.97 -9.98
C ILE B 93 -9.02 31.41 -11.17
N SER B 94 -8.38 32.18 -12.05
CA SER B 94 -8.98 32.71 -13.25
C SER B 94 -7.83 33.28 -14.09
N SER B 95 -8.17 33.91 -15.22
CA SER B 95 -7.13 34.42 -16.10
C SER B 95 -6.62 35.79 -15.69
N ASP B 96 -7.23 36.44 -14.69
CA ASP B 96 -6.85 37.79 -14.28
C ASP B 96 -6.71 37.98 -12.78
N ARG B 97 -7.26 37.10 -11.95
CA ARG B 97 -7.25 37.27 -10.50
C ARG B 97 -7.06 35.92 -9.83
N ILE B 98 -6.10 35.84 -8.92
CA ILE B 98 -5.79 34.62 -8.18
C ILE B 98 -5.88 34.93 -6.70
N ASP B 99 -6.79 34.25 -6.00
CA ASP B 99 -6.99 34.42 -4.56
C ASP B 99 -6.82 33.05 -3.92
N PHE B 100 -5.65 32.79 -3.33
CA PHE B 100 -5.34 31.54 -2.68
C PHE B 100 -4.76 31.81 -1.31
N GLY B 101 -5.15 31.00 -0.33
CA GLY B 101 -4.62 31.17 1.01
C GLY B 101 -5.00 30.13 2.04
N PHE B 102 -3.99 29.55 2.68
CA PHE B 102 -4.19 28.80 3.92
C PHE B 102 -4.33 29.77 5.09
N GLY B 103 -5.10 29.34 6.08
CA GLY B 103 -5.03 29.97 7.38
C GLY B 103 -3.73 29.59 8.07
N GLY B 104 -3.41 30.35 9.13
CA GLY B 104 -2.15 30.14 9.84
C GLY B 104 -2.08 28.83 10.59
N GLY B 105 -3.20 28.16 10.80
CA GLY B 105 -3.23 26.90 11.50
C GLY B 105 -3.62 27.04 12.96
N THR B 106 -4.27 26.01 13.50
CA THR B 106 -4.63 25.95 14.91
C THR B 106 -4.16 24.61 15.47
N GLU B 107 -3.33 24.66 16.50
CA GLU B 107 -2.85 23.45 17.15
C GLU B 107 -3.83 23.02 18.23
N LEU B 108 -4.14 21.72 18.28
CA LEU B 108 -5.00 21.16 19.31
C LEU B 108 -4.15 20.31 20.25
N VAL B 109 -4.09 20.73 21.51
CA VAL B 109 -3.55 19.89 22.58
C VAL B 109 -4.72 19.15 23.22
N VAL B 110 -4.66 17.82 23.24
CA VAL B 110 -5.71 16.99 23.83
C VAL B 110 -5.29 16.63 25.25
N LYS B 111 -6.02 17.16 26.23
CA LYS B 111 -5.73 16.86 27.63
C LYS B 111 -6.17 15.44 27.95
N GLY B 112 -5.21 14.60 28.36
CA GLY B 112 -5.49 13.26 28.82
C GLY B 112 -5.24 13.10 30.30
N ASP B 113 -5.05 11.85 30.71
CA ASP B 113 -4.84 11.55 32.13
C ASP B 113 -3.47 12.06 32.57
N PRO B 114 -3.36 12.74 33.71
CA PRO B 114 -2.04 13.18 34.17
C PRO B 114 -1.11 11.99 34.42
N VAL B 115 0.16 12.18 34.07
CA VAL B 115 1.19 11.16 34.25
C VAL B 115 2.48 11.86 34.60
N ALA B 116 3.16 11.41 35.65
CA ALA B 116 4.44 11.98 35.99
C ALA B 116 5.55 11.34 35.16
N PRO B 117 6.62 12.08 34.86
CA PRO B 117 7.66 11.54 33.98
C PRO B 117 8.72 10.74 34.71
N SER B 118 9.12 9.62 34.09
CA SER B 118 10.37 8.97 34.45
C SER B 118 11.51 9.66 33.71
N VAL B 119 12.66 9.79 34.37
CA VAL B 119 13.78 10.57 33.86
C VAL B 119 15.00 9.68 33.73
N LEU B 120 15.77 9.91 32.67
CA LEU B 120 17.01 9.18 32.43
C LEU B 120 18.09 10.15 32.00
N ILE B 121 19.30 9.96 32.52
CA ILE B 121 20.46 10.72 32.09
C ILE B 121 21.43 9.76 31.44
N PHE B 122 22.15 10.26 30.43
CA PHE B 122 23.12 9.47 29.69
C PHE B 122 24.45 10.22 29.65
N PRO B 123 25.49 9.73 30.31
CA PRO B 123 26.79 10.37 30.17
C PRO B 123 27.33 10.19 28.76
N PRO B 124 28.27 11.03 28.35
CA PRO B 124 28.78 10.93 26.98
C PRO B 124 29.54 9.62 26.75
N ALA B 125 29.33 9.03 25.59
CA ALA B 125 30.13 7.88 25.20
C ALA B 125 31.61 8.24 25.26
N ALA B 126 32.45 7.22 25.48
CA ALA B 126 33.86 7.45 25.72
C ALA B 126 34.55 8.16 24.56
N ASP B 127 34.03 8.00 23.34
CA ASP B 127 34.66 8.55 22.15
C ASP B 127 34.18 9.97 21.81
N GLN B 128 33.37 10.59 22.67
CA GLN B 128 32.95 11.97 22.41
C GLN B 128 34.05 12.95 22.76
N VAL B 129 34.66 12.79 23.94
CA VAL B 129 35.57 13.80 24.49
C VAL B 129 36.70 14.10 23.52
N ALA B 130 37.20 13.09 22.79
CA ALA B 130 38.30 13.30 21.87
C ALA B 130 37.95 14.26 20.74
N THR B 131 36.66 14.47 20.48
CA THR B 131 36.24 15.32 19.37
C THR B 131 36.28 16.80 19.72
N GLY B 132 36.67 17.17 20.94
CA GLY B 132 36.65 18.54 21.38
C GLY B 132 35.32 19.00 21.93
N THR B 133 34.24 18.28 21.64
CA THR B 133 32.91 18.62 22.09
C THR B 133 32.28 17.39 22.73
N VAL B 134 31.38 17.64 23.68
CA VAL B 134 30.72 16.57 24.43
C VAL B 134 29.26 16.94 24.59
N THR B 135 28.40 15.93 24.48
CA THR B 135 26.96 16.12 24.52
C THR B 135 26.35 15.16 25.55
N ILE B 136 25.57 15.71 26.48
CA ILE B 136 24.90 14.93 27.52
C ILE B 136 23.42 14.97 27.26
N VAL B 137 22.79 13.78 27.20
CA VAL B 137 21.38 13.64 26.88
C VAL B 137 20.61 13.26 28.13
N CYS B 138 19.46 13.91 28.31
CA CYS B 138 18.51 13.61 29.37
C CYS B 138 17.14 13.45 28.75
N VAL B 139 16.40 12.44 29.19
CA VAL B 139 15.12 12.08 28.60
C VAL B 139 14.04 12.05 29.68
N ALA B 140 12.88 12.61 29.36
CA ALA B 140 11.67 12.56 30.17
C ALA B 140 10.61 11.79 29.41
N ASN B 141 10.17 10.67 29.98
CA ASN B 141 9.40 9.67 29.26
C ASN B 141 7.94 9.67 29.69
N LYS B 142 7.05 9.54 28.69
CA LYS B 142 5.63 9.30 28.88
C LYS B 142 5.06 10.15 30.01
N TYR B 143 4.70 11.40 29.70
CA TYR B 143 4.17 12.31 30.69
C TYR B 143 3.10 13.19 30.08
N PHE B 144 2.29 13.77 30.97
CA PHE B 144 1.34 14.83 30.67
C PHE B 144 0.82 15.39 32.00
N PRO B 145 0.73 16.72 32.15
CA PRO B 145 0.98 17.83 31.24
C PRO B 145 2.47 18.19 31.07
N ASP B 146 2.74 19.28 30.37
CA ASP B 146 4.12 19.63 30.02
C ASP B 146 5.01 19.69 31.26
N VAL B 147 6.32 19.66 31.01
CA VAL B 147 7.35 19.74 32.05
C VAL B 147 8.30 20.87 31.70
N THR B 148 9.18 21.17 32.65
CA THR B 148 10.32 22.05 32.42
C THR B 148 11.58 21.32 32.88
N VAL B 149 12.69 21.61 32.22
CA VAL B 149 13.95 20.94 32.50
C VAL B 149 14.99 21.96 32.88
N THR B 150 15.79 21.64 33.91
CA THR B 150 16.88 22.49 34.36
C THR B 150 18.16 21.66 34.40
N TRP B 151 19.28 22.30 34.06
CA TRP B 151 20.58 21.64 34.02
C TRP B 151 21.49 22.27 35.05
N GLU B 152 22.13 21.44 35.87
CA GLU B 152 23.04 21.92 36.90
C GLU B 152 24.38 21.22 36.76
N VAL B 153 25.44 22.01 36.74
CA VAL B 153 26.82 21.50 36.70
C VAL B 153 27.50 22.05 37.94
N ASP B 154 27.67 21.21 38.96
CA ASP B 154 28.23 21.64 40.25
C ASP B 154 27.38 22.76 40.86
N GLY B 155 26.07 22.51 40.94
CA GLY B 155 25.16 23.43 41.59
C GLY B 155 24.92 24.73 40.85
N THR B 156 25.56 24.97 39.72
CA THR B 156 25.35 26.19 38.94
C THR B 156 24.38 25.89 37.80
N THR B 157 23.24 26.59 37.80
CA THR B 157 22.26 26.42 36.73
C THR B 157 22.88 26.82 35.40
N GLN B 158 22.76 25.93 34.42
CA GLN B 158 23.22 26.20 33.05
C GLN B 158 22.12 26.94 32.28
N THR B 159 22.54 27.84 31.40
CA THR B 159 21.61 28.58 30.56
C THR B 159 22.03 28.63 29.09
N THR B 160 23.25 28.24 28.76
CA THR B 160 23.69 28.14 27.38
C THR B 160 23.85 26.69 26.97
N GLY B 161 23.75 26.44 25.67
CA GLY B 161 24.00 25.12 25.12
C GLY B 161 22.99 24.05 25.49
N ILE B 162 21.72 24.40 25.58
CA ILE B 162 20.65 23.44 25.89
C ILE B 162 19.64 23.45 24.75
N GLU B 163 19.39 22.28 24.18
CA GLU B 163 18.34 22.09 23.19
C GLU B 163 17.36 21.05 23.71
N ASN B 164 16.07 21.33 23.58
CA ASN B 164 15.02 20.44 24.03
C ASN B 164 14.16 20.04 22.83
N SER B 165 13.70 18.79 22.83
CA SER B 165 12.90 18.29 21.73
C SER B 165 11.80 17.39 22.27
N LYS B 166 10.58 17.64 21.83
CA LYS B 166 9.39 17.01 22.37
C LYS B 166 8.67 16.26 21.24
N THR B 167 8.35 15.00 21.49
CA THR B 167 7.55 14.25 20.54
C THR B 167 6.15 14.84 20.46
N PRO B 168 5.42 14.57 19.38
CA PRO B 168 3.99 14.85 19.38
C PRO B 168 3.28 14.01 20.42
N GLN B 169 2.01 14.33 20.66
CA GLN B 169 1.22 13.58 21.63
C GLN B 169 1.00 12.17 21.14
N ASN B 170 1.08 11.21 22.07
CA ASN B 170 0.90 9.81 21.72
C ASN B 170 -0.51 9.58 21.18
N SER B 171 -0.61 8.75 20.14
CA SER B 171 -1.88 8.57 19.44
C SER B 171 -2.97 8.06 20.36
N ALA B 172 -2.64 7.14 21.27
CA ALA B 172 -3.61 6.54 22.15
C ALA B 172 -3.59 7.12 23.56
N ASP B 173 -2.52 7.80 23.95
CA ASP B 173 -2.24 8.10 25.34
C ASP B 173 -2.19 9.60 25.66
N CYS B 174 -2.11 10.47 24.65
N CYS B 174 -2.07 10.48 24.66
CA CYS B 174 -2.02 11.91 24.84
CA CYS B 174 -1.98 11.92 24.87
C CYS B 174 -0.71 12.33 25.52
C CYS B 174 -0.60 12.34 25.34
N THR B 175 0.19 11.39 25.84
CA THR B 175 1.40 11.71 26.58
C THR B 175 2.53 12.16 25.66
N TYR B 176 3.50 12.85 26.26
CA TYR B 176 4.69 13.34 25.58
C TYR B 176 5.93 12.55 25.99
N ASN B 177 6.97 12.69 25.19
CA ASN B 177 8.34 12.36 25.57
C ASN B 177 9.23 13.53 25.19
N LEU B 178 10.31 13.72 25.95
CA LEU B 178 11.15 14.89 25.80
C LEU B 178 12.61 14.51 25.98
N SER B 179 13.47 15.01 25.08
CA SER B 179 14.92 14.93 25.23
C SER B 179 15.47 16.32 25.51
N SER B 180 16.47 16.40 26.36
CA SER B 180 17.13 17.65 26.71
C SER B 180 18.62 17.41 26.64
N THR B 181 19.29 18.18 25.78
CA THR B 181 20.68 17.94 25.47
C THR B 181 21.51 19.11 25.96
N LEU B 182 22.61 18.81 26.64
CA LEU B 182 23.58 19.80 27.09
C LEU B 182 24.89 19.55 26.34
N THR B 183 25.39 20.59 25.66
CA THR B 183 26.63 20.49 24.89
C THR B 183 27.69 21.39 25.52
N LEU B 184 28.88 20.83 25.72
CA LEU B 184 30.02 21.55 26.30
C LEU B 184 31.26 21.25 25.49
N THR B 185 32.31 22.02 25.73
CA THR B 185 33.62 21.71 25.17
C THR B 185 34.28 20.61 26.00
N SER B 186 35.18 19.87 25.36
CA SER B 186 35.88 18.81 26.08
C SER B 186 36.55 19.35 27.34
N THR B 187 37.17 20.52 27.26
CA THR B 187 37.81 21.11 28.43
C THR B 187 36.78 21.44 29.50
N GLN B 188 35.68 22.10 29.11
CA GLN B 188 34.61 22.42 30.07
C GLN B 188 34.12 21.17 30.79
N TYR B 189 34.01 20.06 30.07
CA TYR B 189 33.40 18.87 30.66
C TYR B 189 34.34 18.20 31.65
N ASN B 190 35.63 18.12 31.32
CA ASN B 190 36.60 17.62 32.28
C ASN B 190 36.82 18.60 33.43
N SER B 191 36.44 19.88 33.25
CA SER B 191 36.67 20.87 34.30
C SER B 191 35.71 20.67 35.48
N HIS B 192 34.55 20.08 35.26
CA HIS B 192 33.55 19.90 36.31
C HIS B 192 33.32 18.40 36.52
N LYS B 193 32.47 18.07 37.50
CA LYS B 193 32.30 16.67 37.87
C LYS B 193 30.83 16.24 37.91
N GLU B 194 29.98 16.99 38.61
CA GLU B 194 28.60 16.56 38.83
C GLU B 194 27.70 17.17 37.77
N TYR B 195 26.99 16.32 37.04
CA TYR B 195 26.05 16.75 36.00
C TYR B 195 24.68 16.21 36.33
N THR B 196 23.68 17.11 36.34
CA THR B 196 22.37 16.78 36.88
C THR B 196 21.28 17.40 36.02
N CYS B 197 20.19 16.65 35.84
CA CYS B 197 19.07 17.04 35.00
C CYS B 197 17.79 16.96 35.85
N LYS B 198 17.10 18.10 36.01
CA LYS B 198 15.89 18.15 36.82
C LYS B 198 14.68 18.40 35.93
N VAL B 199 13.69 17.50 36.01
CA VAL B 199 12.44 17.61 35.27
C VAL B 199 11.33 17.93 36.26
N THR B 200 10.63 19.04 36.03
CA THR B 200 9.62 19.54 36.95
C THR B 200 8.26 19.53 36.27
N GLN B 201 7.30 18.85 36.88
CA GLN B 201 5.91 18.80 36.41
C GLN B 201 5.02 19.35 37.52
N GLY B 202 5.01 20.67 37.66
CA GLY B 202 4.22 21.31 38.70
C GLY B 202 4.90 21.27 40.05
N THR B 203 4.26 20.63 41.03
CA THR B 203 4.84 20.51 42.36
C THR B 203 5.85 19.37 42.44
N THR B 204 5.69 18.35 41.60
CA THR B 204 6.60 17.21 41.59
C THR B 204 7.83 17.51 40.75
N SER B 205 8.94 16.87 41.09
CA SER B 205 10.16 16.96 40.30
C SER B 205 10.96 15.67 40.44
N VAL B 206 11.73 15.36 39.40
CA VAL B 206 12.62 14.21 39.40
C VAL B 206 13.98 14.67 38.94
N VAL B 207 15.03 14.12 39.54
CA VAL B 207 16.40 14.54 39.28
C VAL B 207 17.25 13.30 39.04
N GLN B 208 18.05 13.34 37.98
CA GLN B 208 19.03 12.31 37.68
C GLN B 208 20.42 12.95 37.59
N SER B 209 21.44 12.15 37.85
CA SER B 209 22.79 12.70 37.85
C SER B 209 23.80 11.59 37.61
N PHE B 210 24.99 12.00 37.19
CA PHE B 210 26.17 11.17 37.15
C PHE B 210 27.35 12.06 37.48
N ASN B 211 28.46 11.45 37.87
CA ASN B 211 29.70 12.17 38.11
C ASN B 211 30.76 11.65 37.15
N ARG B 212 31.47 12.59 36.52
CA ARG B 212 32.34 12.26 35.39
C ARG B 212 33.29 11.12 35.71
N GLY B 213 33.86 11.11 36.91
CA GLY B 213 34.87 10.10 37.25
C GLY B 213 34.36 8.68 37.14
N ASP B 214 33.12 8.45 37.59
CA ASP B 214 32.52 7.12 37.56
C ASP B 214 31.57 6.96 36.38
N SER C 2 7.85 -1.99 -12.84
CA SER C 2 7.11 -3.00 -13.63
C SER C 2 7.91 -4.18 -14.18
N LEU C 3 7.21 -5.31 -14.25
CA LEU C 3 7.68 -6.54 -14.87
C LEU C 3 6.59 -7.07 -15.78
N GLU C 4 6.98 -7.67 -16.89
CA GLU C 4 6.02 -8.32 -17.78
C GLU C 4 6.62 -9.60 -18.36
N GLU C 5 5.90 -10.70 -18.21
CA GLU C 5 6.30 -11.96 -18.83
C GLU C 5 5.67 -12.09 -20.22
N SER C 6 6.42 -12.69 -21.14
CA SER C 6 5.92 -12.99 -22.46
C SER C 6 6.51 -14.32 -22.92
N GLY C 7 5.94 -14.87 -23.98
CA GLY C 7 6.41 -16.12 -24.55
C GLY C 7 5.56 -17.33 -24.23
N GLY C 8 4.53 -17.18 -23.41
CA GLY C 8 3.67 -18.30 -23.12
C GLY C 8 2.86 -18.72 -24.34
N ASP C 9 2.53 -20.01 -24.40
CA ASP C 9 1.81 -20.55 -25.55
C ASP C 9 1.46 -22.03 -25.37
N LEU C 10 0.77 -22.59 -26.35
CA LEU C 10 0.52 -24.03 -26.42
C LEU C 10 1.71 -24.71 -27.10
N VAL C 11 2.19 -25.81 -26.52
CA VAL C 11 3.32 -26.54 -27.11
C VAL C 11 3.13 -28.04 -26.93
N LYS C 12 3.68 -28.80 -27.87
CA LYS C 12 3.60 -30.26 -27.80
C LYS C 12 4.38 -30.77 -26.60
N PRO C 13 3.97 -31.89 -26.02
CA PRO C 13 4.85 -32.59 -25.08
C PRO C 13 6.19 -32.89 -25.73
N GLY C 14 7.25 -32.68 -24.95
CA GLY C 14 8.60 -32.83 -25.45
C GLY C 14 9.18 -31.59 -26.08
N ALA C 15 8.38 -30.54 -26.25
CA ALA C 15 8.88 -29.31 -26.84
C ALA C 15 9.65 -28.50 -25.81
N SER C 16 10.39 -27.51 -26.29
CA SER C 16 11.03 -26.52 -25.46
C SER C 16 10.33 -25.17 -25.67
N LEU C 17 10.63 -24.23 -24.76
CA LEU C 17 9.96 -22.94 -24.78
C LEU C 17 10.80 -21.95 -24.00
N THR C 18 10.93 -20.74 -24.53
CA THR C 18 11.68 -19.66 -23.89
C THR C 18 10.71 -18.57 -23.47
N LEU C 19 10.67 -18.28 -22.18
CA LEU C 19 9.91 -17.15 -21.67
C LEU C 19 10.84 -15.96 -21.44
N THR C 20 10.29 -14.77 -21.52
CA THR C 20 11.05 -13.55 -21.30
C THR C 20 10.35 -12.69 -20.25
N CYS C 21 11.13 -12.24 -19.28
CA CYS C 21 10.68 -11.32 -18.25
C CYS C 21 11.38 -9.98 -18.43
N THR C 22 10.60 -8.95 -18.74
CA THR C 22 11.16 -7.63 -19.03
C THR C 22 10.79 -6.65 -17.93
N ALA C 23 11.77 -5.82 -17.56
CA ALA C 23 11.59 -4.80 -16.54
C ALA C 23 11.37 -3.44 -17.20
N SER C 24 10.44 -2.68 -16.64
CA SER C 24 10.21 -1.29 -17.02
C SER C 24 10.43 -0.39 -15.82
N GLY C 25 11.00 0.79 -16.07
CA GLY C 25 11.18 1.76 -15.01
C GLY C 25 12.29 1.48 -14.04
N PHE C 26 13.16 0.52 -14.33
CA PHE C 26 14.35 0.28 -13.51
C PHE C 26 15.24 -0.69 -14.27
N SER C 27 16.41 -0.97 -13.70
CA SER C 27 17.39 -1.85 -14.30
C SER C 27 17.70 -3.01 -13.35
N PHE C 28 18.15 -4.12 -13.93
CA PHE C 28 18.58 -5.26 -13.14
C PHE C 28 20.00 -5.03 -12.65
N GLY C 29 20.24 -5.36 -11.37
CA GLY C 29 21.54 -5.13 -10.76
C GLY C 29 21.81 -6.13 -9.66
N TRP C 30 22.95 -5.95 -8.99
CA TRP C 30 23.40 -6.90 -7.98
C TRP C 30 22.45 -7.03 -6.80
N ASN C 31 21.53 -6.08 -6.62
CA ASN C 31 20.53 -6.18 -5.56
C ASN C 31 19.29 -6.94 -5.99
N ASP C 32 19.17 -7.31 -7.25
CA ASP C 32 18.00 -8.03 -7.76
C ASP C 32 18.34 -9.50 -7.98
N TYR C 33 17.57 -10.37 -7.33
CA TYR C 33 17.58 -11.81 -7.62
C TYR C 33 16.27 -12.12 -8.34
N MET C 34 16.31 -12.06 -9.68
CA MET C 34 15.10 -12.28 -10.48
C MET C 34 14.72 -13.75 -10.43
N SER C 35 13.58 -14.03 -9.80
CA SER C 35 13.07 -15.39 -9.68
C SER C 35 11.98 -15.65 -10.71
N TRP C 36 11.79 -16.93 -11.03
CA TRP C 36 10.65 -17.41 -11.78
C TRP C 36 9.83 -18.31 -10.87
N VAL C 37 8.51 -18.11 -10.88
CA VAL C 37 7.60 -18.87 -10.05
C VAL C 37 6.39 -19.25 -10.90
N ARG C 38 5.90 -20.47 -10.73
CA ARG C 38 4.81 -20.98 -11.55
C ARG C 38 3.69 -21.50 -10.66
N GLN C 39 2.53 -21.74 -11.28
CA GLN C 39 1.34 -22.13 -10.53
C GLN C 39 0.42 -22.91 -11.48
N ALA C 40 0.44 -24.24 -11.33
CA ALA C 40 -0.44 -25.09 -12.13
C ALA C 40 -1.89 -24.63 -11.95
N PRO C 41 -2.77 -24.88 -12.92
CA PRO C 41 -4.15 -24.39 -12.83
C PRO C 41 -4.84 -24.88 -11.56
N GLY C 42 -5.30 -23.93 -10.75
CA GLY C 42 -6.04 -24.26 -9.55
C GLY C 42 -5.22 -24.91 -8.46
N LYS C 43 -3.92 -24.62 -8.38
CA LYS C 43 -3.05 -25.23 -7.38
C LYS C 43 -2.12 -24.15 -6.84
N GLY C 44 -1.06 -24.58 -6.14
CA GLY C 44 -0.24 -23.68 -5.38
C GLY C 44 0.96 -23.14 -6.14
N LEU C 45 1.67 -22.22 -5.49
CA LEU C 45 2.85 -21.60 -6.06
C LEU C 45 4.06 -22.52 -5.91
N GLU C 46 4.99 -22.40 -6.85
CA GLU C 46 6.16 -23.26 -6.88
C GLU C 46 7.34 -22.47 -7.42
N TRP C 47 8.39 -22.38 -6.62
CA TRP C 47 9.59 -21.64 -7.02
C TRP C 47 10.43 -22.47 -7.96
N ILE C 48 10.93 -21.84 -9.02
CA ILE C 48 11.64 -22.52 -10.10
C ILE C 48 13.14 -22.29 -10.01
N GLY C 49 13.54 -21.08 -9.68
CA GLY C 49 14.93 -20.69 -9.75
C GLY C 49 15.06 -19.18 -9.81
N CYS C 50 16.30 -18.72 -9.73
CA CYS C 50 16.55 -17.29 -9.80
C CYS C 50 17.95 -17.06 -10.34
N ILE C 51 18.18 -15.84 -10.83
CA ILE C 51 19.48 -15.42 -11.32
C ILE C 51 19.88 -14.17 -10.57
N TYR C 52 21.05 -14.20 -9.93
CA TYR C 52 21.66 -13.02 -9.35
C TYR C 52 22.05 -12.08 -10.48
N ALA C 53 21.35 -10.95 -10.60
CA ALA C 53 21.55 -10.02 -11.72
C ALA C 53 22.83 -9.21 -11.60
N GLY C 54 23.69 -9.52 -10.63
CA GLY C 54 24.98 -8.87 -10.55
C GLY C 54 25.95 -9.32 -11.62
N SER C 55 27.25 -9.18 -11.34
CA SER C 55 28.28 -9.34 -12.36
C SER C 55 28.60 -10.79 -12.68
N THR C 56 28.32 -11.72 -11.76
CA THR C 56 28.64 -13.12 -11.98
C THR C 56 27.44 -13.93 -12.48
N ARG C 57 26.23 -13.38 -12.40
CA ARG C 57 25.06 -14.00 -13.01
C ARG C 57 24.88 -15.45 -12.55
N SER C 58 25.25 -15.72 -11.30
CA SER C 58 25.03 -17.04 -10.73
C SER C 58 23.54 -17.38 -10.77
N THR C 59 23.23 -18.65 -11.00
CA THR C 59 21.86 -19.13 -11.05
C THR C 59 21.64 -20.14 -9.95
N TYR C 60 20.38 -20.26 -9.52
CA TYR C 60 20.01 -21.13 -8.41
C TYR C 60 18.68 -21.77 -8.76
N TYR C 61 18.69 -23.05 -9.09
CA TYR C 61 17.50 -23.75 -9.55
C TYR C 61 16.95 -24.64 -8.44
N ALA C 62 15.65 -24.88 -8.50
CA ALA C 62 15.02 -25.83 -7.60
C ALA C 62 15.59 -27.24 -7.85
N ASN C 63 15.30 -28.16 -6.93
CA ASN C 63 15.83 -29.51 -7.04
C ASN C 63 15.14 -30.29 -8.15
N TRP C 64 13.80 -30.37 -8.11
CA TRP C 64 13.06 -31.09 -9.11
C TRP C 64 13.37 -30.61 -10.52
N ALA C 65 14.02 -29.46 -10.68
CA ALA C 65 14.49 -28.98 -11.98
C ALA C 65 15.87 -29.56 -12.23
N LYS C 66 15.87 -30.79 -12.77
CA LYS C 66 17.13 -31.51 -13.03
C LYS C 66 17.61 -31.21 -14.45
N GLY C 67 18.08 -29.97 -14.63
CA GLY C 67 18.72 -29.57 -15.87
C GLY C 67 17.79 -29.09 -16.97
N ARG C 68 16.47 -29.13 -16.75
CA ARG C 68 15.53 -28.77 -17.81
C ARG C 68 15.30 -27.27 -17.94
N LEU C 69 15.85 -26.46 -17.03
CA LEU C 69 15.60 -25.04 -17.00
C LEU C 69 16.90 -24.27 -17.09
N THR C 70 16.86 -23.15 -17.82
CA THR C 70 18.00 -22.24 -17.91
C THR C 70 17.49 -20.82 -17.75
N ILE C 71 17.85 -20.19 -16.63
CA ILE C 71 17.61 -18.76 -16.43
C ILE C 71 18.84 -18.01 -16.91
N SER C 72 18.62 -16.95 -17.67
CA SER C 72 19.70 -16.16 -18.23
C SER C 72 19.37 -14.68 -18.12
N LYS C 73 20.41 -13.87 -17.99
CA LYS C 73 20.28 -12.41 -18.06
C LYS C 73 20.77 -11.98 -19.44
N THR C 74 19.83 -11.62 -20.30
CA THR C 74 20.12 -11.27 -21.67
C THR C 74 20.29 -9.77 -21.88
N SER C 75 20.22 -8.99 -20.80
CA SER C 75 20.10 -7.55 -20.91
C SER C 75 20.05 -6.97 -19.51
N SER C 76 20.28 -5.66 -19.40
CA SER C 76 20.00 -4.94 -18.17
C SER C 76 18.50 -4.83 -17.91
N THR C 77 17.67 -5.23 -18.88
CA THR C 77 16.24 -5.06 -18.82
C THR C 77 15.46 -6.37 -18.92
N ALA C 78 16.12 -7.49 -19.22
CA ALA C 78 15.42 -8.72 -19.55
C ALA C 78 16.18 -9.94 -19.03
N VAL C 79 15.42 -10.91 -18.51
CA VAL C 79 15.93 -12.25 -18.24
C VAL C 79 15.02 -13.25 -18.92
N THR C 80 15.58 -14.40 -19.25
CA THR C 80 14.85 -15.45 -19.95
C THR C 80 14.80 -16.72 -19.10
N LEU C 81 13.78 -17.53 -19.37
CA LEU C 81 13.64 -18.86 -18.78
C LEU C 81 13.48 -19.85 -19.92
N GLN C 82 14.51 -20.65 -20.17
CA GLN C 82 14.46 -21.68 -21.20
C GLN C 82 14.06 -23.00 -20.55
N MET C 83 13.02 -23.63 -21.10
CA MET C 83 12.52 -24.91 -20.60
C MET C 83 12.53 -25.93 -21.74
N THR C 84 13.02 -27.13 -21.45
CA THR C 84 13.09 -28.21 -22.44
C THR C 84 12.40 -29.45 -21.89
N SER C 85 11.99 -30.32 -22.81
CA SER C 85 11.32 -31.58 -22.48
C SER C 85 10.08 -31.35 -21.63
N LEU C 86 9.19 -30.51 -22.16
CA LEU C 86 8.01 -30.12 -21.42
C LEU C 86 6.97 -31.25 -21.41
N THR C 87 6.23 -31.33 -20.32
CA THR C 87 5.16 -32.31 -20.15
C THR C 87 3.93 -31.59 -19.61
N ALA C 88 2.84 -32.33 -19.43
CA ALA C 88 1.61 -31.74 -18.94
C ALA C 88 1.71 -31.31 -17.47
N ALA C 89 2.76 -31.72 -16.77
CA ALA C 89 2.99 -31.22 -15.43
C ALA C 89 3.47 -29.77 -15.43
N ASP C 90 4.11 -29.34 -16.53
CA ASP C 90 4.63 -27.99 -16.65
C ASP C 90 3.59 -26.97 -17.09
N THR C 91 2.36 -27.41 -17.37
CA THR C 91 1.30 -26.47 -17.70
C THR C 91 1.01 -25.60 -16.49
N ALA C 92 1.16 -24.29 -16.65
CA ALA C 92 0.93 -23.39 -15.52
C ALA C 92 1.04 -21.96 -16.00
N THR C 93 0.62 -21.04 -15.12
CA THR C 93 0.97 -19.63 -15.27
C THR C 93 2.37 -19.42 -14.70
N TYR C 94 3.20 -18.69 -15.44
CA TYR C 94 4.59 -18.46 -15.07
C TYR C 94 4.77 -16.99 -14.73
N PHE C 95 5.17 -16.73 -13.48
CA PHE C 95 5.44 -15.37 -13.02
C PHE C 95 6.93 -15.14 -12.88
N CYS C 96 7.37 -13.92 -13.18
N CYS C 96 7.34 -13.93 -13.20
CA CYS C 96 8.72 -13.48 -12.84
CA CYS C 96 8.64 -13.39 -12.87
C CYS C 96 8.64 -12.42 -11.75
C CYS C 96 8.50 -12.54 -11.62
N ALA C 97 9.51 -12.56 -10.75
CA ALA C 97 9.42 -11.79 -9.52
C ALA C 97 10.78 -11.23 -9.14
N ARG C 98 10.77 -10.00 -8.65
CA ARG C 98 11.98 -9.28 -8.28
C ARG C 98 12.29 -9.57 -6.82
N GLY C 99 13.37 -10.29 -6.55
CA GLY C 99 13.70 -10.72 -5.20
C GLY C 99 14.75 -9.84 -4.55
N ALA C 100 14.59 -9.62 -3.24
CA ALA C 100 15.57 -8.96 -2.40
C ALA C 100 16.05 -9.95 -1.34
N VAL C 101 17.34 -9.92 -1.03
CA VAL C 101 17.94 -10.92 -0.16
C VAL C 101 18.59 -10.25 1.04
N THR C 102 18.75 -11.04 2.10
CA THR C 102 19.51 -10.66 3.30
C THR C 102 20.72 -11.57 3.38
N TYR C 103 21.91 -10.98 3.26
CA TYR C 103 23.14 -11.74 3.37
C TYR C 103 23.42 -12.10 4.84
N ASP C 104 24.10 -13.22 5.03
CA ASP C 104 24.42 -13.74 6.35
C ASP C 104 25.88 -13.54 6.71
N GLY C 105 26.72 -13.13 5.77
CA GLY C 105 28.14 -12.97 6.04
C GLY C 105 28.96 -14.23 5.92
N LEU C 106 28.33 -15.39 5.67
CA LEU C 106 29.02 -16.66 5.56
C LEU C 106 28.97 -17.23 4.15
N GLY C 107 28.48 -16.47 3.19
CA GLY C 107 28.32 -16.93 1.82
C GLY C 107 26.86 -17.18 1.44
N GLY C 108 25.97 -17.27 2.42
CA GLY C 108 24.58 -17.50 2.15
C GLY C 108 23.78 -16.22 1.98
N ALA C 109 22.51 -16.40 1.62
CA ALA C 109 21.61 -15.26 1.38
C ALA C 109 20.19 -15.74 1.56
N TYR C 110 19.47 -15.11 2.49
CA TYR C 110 18.06 -15.41 2.70
C TYR C 110 17.20 -14.45 1.89
N LEU C 111 16.09 -14.97 1.38
CA LEU C 111 15.17 -14.15 0.61
C LEU C 111 14.38 -13.26 1.55
N LYS C 112 14.39 -11.96 1.27
CA LYS C 112 13.64 -11.00 2.08
C LYS C 112 12.21 -10.87 1.58
N HIS C 113 12.02 -10.57 0.30
CA HIS C 113 10.67 -10.44 -0.22
C HIS C 113 10.71 -10.39 -1.75
N PHE C 114 9.58 -10.79 -2.34
CA PHE C 114 9.27 -10.48 -3.74
C PHE C 114 8.21 -9.39 -3.71
N ASN C 115 8.64 -8.15 -3.93
CA ASN C 115 7.71 -7.01 -3.87
C ASN C 115 7.21 -6.58 -5.24
N LEU C 116 7.76 -7.12 -6.31
CA LEU C 116 7.35 -6.75 -7.67
C LEU C 116 7.11 -8.04 -8.45
N TRP C 117 5.91 -8.16 -9.03
CA TRP C 117 5.51 -9.32 -9.79
C TRP C 117 5.01 -8.90 -11.16
N GLY C 118 5.28 -9.72 -12.17
CA GLY C 118 4.60 -9.58 -13.44
C GLY C 118 3.21 -10.17 -13.39
N PRO C 119 2.41 -9.86 -14.41
CA PRO C 119 1.05 -10.42 -14.45
C PRO C 119 1.01 -11.91 -14.71
N GLY C 120 2.02 -12.45 -15.38
CA GLY C 120 2.08 -13.86 -15.70
C GLY C 120 2.01 -14.11 -17.19
N THR C 121 2.35 -15.35 -17.55
CA THR C 121 2.19 -15.82 -18.92
C THR C 121 1.89 -17.32 -18.87
N LEU C 122 0.90 -17.74 -19.65
CA LEU C 122 0.38 -19.11 -19.55
C LEU C 122 1.14 -20.04 -20.48
N VAL C 123 1.66 -21.13 -19.92
CA VAL C 123 2.28 -22.21 -20.69
C VAL C 123 1.33 -23.39 -20.64
N THR C 124 0.97 -23.91 -21.80
CA THR C 124 0.02 -25.02 -21.92
C THR C 124 0.69 -26.12 -22.73
N VAL C 125 0.87 -27.28 -22.11
CA VAL C 125 1.52 -28.42 -22.73
C VAL C 125 0.43 -29.44 -23.07
N SER C 126 0.14 -29.58 -24.36
CA SER C 126 -0.93 -30.45 -24.82
C SER C 126 -0.63 -30.86 -26.25
N SER C 127 -1.17 -32.03 -26.63
CA SER C 127 -1.09 -32.49 -28.02
C SER C 127 -2.23 -31.95 -28.87
N GLY C 128 -3.20 -31.25 -28.28
CA GLY C 128 -4.31 -30.75 -29.05
C GLY C 128 -3.90 -29.59 -29.94
N GLN C 129 -4.61 -29.46 -31.05
CA GLN C 129 -4.37 -28.32 -31.92
C GLN C 129 -5.10 -27.10 -31.40
N PRO C 130 -4.59 -25.90 -31.65
CA PRO C 130 -5.35 -24.70 -31.30
C PRO C 130 -6.73 -24.72 -31.94
N LYS C 131 -7.71 -24.23 -31.19
CA LYS C 131 -9.09 -24.19 -31.66
C LYS C 131 -9.67 -22.85 -31.22
N ALA C 132 -10.28 -22.14 -32.17
CA ALA C 132 -10.88 -20.86 -31.85
C ALA C 132 -12.25 -21.06 -31.19
N PRO C 133 -12.70 -20.13 -30.37
CA PRO C 133 -13.98 -20.31 -29.68
C PRO C 133 -15.17 -20.11 -30.62
N SER C 134 -16.26 -20.80 -30.29
CA SER C 134 -17.56 -20.51 -30.88
C SER C 134 -18.34 -19.62 -29.91
N VAL C 135 -18.87 -18.52 -30.43
CA VAL C 135 -19.58 -17.54 -29.61
C VAL C 135 -21.06 -17.61 -29.96
N PHE C 136 -21.89 -17.90 -28.96
CA PHE C 136 -23.33 -17.92 -29.13
C PHE C 136 -23.97 -16.87 -28.23
N PRO C 137 -25.05 -16.23 -28.68
CA PRO C 137 -25.71 -15.24 -27.82
C PRO C 137 -26.52 -15.89 -26.71
N LEU C 138 -26.59 -15.21 -25.57
CA LEU C 138 -27.44 -15.61 -24.46
C LEU C 138 -28.52 -14.54 -24.25
N ALA C 139 -29.78 -14.93 -24.43
CA ALA C 139 -30.89 -14.00 -24.34
C ALA C 139 -32.07 -14.75 -23.76
N PRO C 140 -32.97 -14.06 -23.06
CA PRO C 140 -34.13 -14.74 -22.47
C PRO C 140 -35.05 -15.29 -23.57
N CYS C 141 -35.77 -16.35 -23.20
CA CYS C 141 -36.61 -17.05 -24.16
C CYS C 141 -37.60 -16.11 -24.83
N CYS C 142 -37.95 -16.43 -26.09
CA CYS C 142 -38.85 -15.58 -26.85
C CYS C 142 -40.19 -15.40 -26.16
N GLY C 143 -40.60 -16.38 -25.35
CA GLY C 143 -41.86 -16.29 -24.65
C GLY C 143 -41.73 -15.74 -23.24
N ASP C 144 -41.49 -14.43 -23.12
CA ASP C 144 -41.48 -13.79 -21.82
C ASP C 144 -41.71 -12.30 -22.05
N THR C 145 -42.03 -11.60 -20.96
CA THR C 145 -42.38 -10.19 -21.02
C THR C 145 -41.11 -9.34 -21.08
N PRO C 146 -40.91 -8.53 -22.12
CA PRO C 146 -39.68 -7.74 -22.20
C PRO C 146 -39.64 -6.64 -21.14
N SER C 147 -38.47 -6.45 -20.54
CA SER C 147 -38.25 -5.42 -19.53
C SER C 147 -37.65 -4.17 -20.17
N SER C 148 -37.51 -3.12 -19.36
CA SER C 148 -36.74 -1.96 -19.77
C SER C 148 -35.27 -2.32 -19.89
N THR C 149 -34.68 -2.80 -18.79
CA THR C 149 -33.31 -3.28 -18.77
C THR C 149 -33.29 -4.80 -18.78
N VAL C 150 -32.33 -5.36 -19.50
CA VAL C 150 -32.24 -6.79 -19.75
C VAL C 150 -30.84 -7.25 -19.37
N THR C 151 -30.72 -8.53 -19.05
CA THR C 151 -29.42 -9.16 -18.82
C THR C 151 -29.15 -10.14 -19.95
N LEU C 152 -28.23 -9.78 -20.83
CA LEU C 152 -27.83 -10.57 -21.98
C LEU C 152 -26.39 -11.05 -21.80
N GLY C 153 -25.94 -11.90 -22.71
CA GLY C 153 -24.60 -12.45 -22.57
C GLY C 153 -24.14 -13.15 -23.83
N CYS C 154 -22.92 -13.70 -23.75
N CYS C 154 -22.94 -13.72 -23.73
CA CYS C 154 -22.37 -14.49 -24.86
CA CYS C 154 -22.33 -14.48 -24.80
C CYS C 154 -21.66 -15.71 -24.28
C CYS C 154 -21.70 -15.74 -24.22
N LEU C 155 -22.00 -16.88 -24.82
CA LEU C 155 -21.36 -18.13 -24.46
C LEU C 155 -20.16 -18.32 -25.37
N VAL C 156 -19.00 -18.62 -24.77
CA VAL C 156 -17.74 -18.75 -25.50
C VAL C 156 -17.27 -20.19 -25.29
N LYS C 157 -17.47 -21.05 -26.28
CA LYS C 157 -17.37 -22.50 -26.10
C LYS C 157 -16.30 -23.11 -26.99
N GLY C 158 -15.56 -24.04 -26.41
CA GLY C 158 -14.72 -24.95 -27.19
C GLY C 158 -13.47 -24.33 -27.78
N TYR C 159 -12.68 -23.64 -26.95
CA TYR C 159 -11.43 -23.06 -27.42
C TYR C 159 -10.25 -23.71 -26.70
N LEU C 160 -9.09 -23.54 -27.31
CA LEU C 160 -7.82 -24.05 -26.80
C LEU C 160 -6.68 -23.33 -27.49
N PRO C 161 -5.66 -22.83 -26.78
CA PRO C 161 -5.53 -22.83 -25.32
C PRO C 161 -6.23 -21.68 -24.66
N GLU C 162 -6.22 -21.65 -23.33
CA GLU C 162 -6.49 -20.41 -22.64
C GLU C 162 -5.46 -19.38 -23.06
N PRO C 163 -5.77 -18.08 -22.94
CA PRO C 163 -7.03 -17.49 -22.46
C PRO C 163 -7.87 -16.89 -23.59
N VAL C 164 -9.13 -16.58 -23.28
CA VAL C 164 -9.91 -15.65 -24.08
C VAL C 164 -10.13 -14.42 -23.24
N THR C 165 -10.40 -13.31 -23.90
CA THR C 165 -10.81 -12.07 -23.24
C THR C 165 -12.17 -11.66 -23.80
N VAL C 166 -13.02 -11.16 -22.90
CA VAL C 166 -14.37 -10.73 -23.24
C VAL C 166 -14.54 -9.29 -22.80
N THR C 167 -14.94 -8.43 -23.74
CA THR C 167 -15.33 -7.07 -23.45
C THR C 167 -16.70 -6.81 -24.06
N TRP C 168 -17.31 -5.71 -23.65
CA TRP C 168 -18.64 -5.34 -24.11
C TRP C 168 -18.62 -3.94 -24.70
N ASN C 169 -19.30 -3.76 -25.81
CA ASN C 169 -19.36 -2.50 -26.53
C ASN C 169 -17.98 -1.85 -26.61
N SER C 170 -17.01 -2.63 -27.09
CA SER C 170 -15.67 -2.15 -27.43
C SER C 170 -14.92 -1.62 -26.22
N GLY C 171 -15.29 -2.06 -25.02
CA GLY C 171 -14.65 -1.62 -23.80
C GLY C 171 -15.36 -0.49 -23.08
N THR C 172 -16.46 0.02 -23.63
CA THR C 172 -17.19 1.12 -23.00
C THR C 172 -18.17 0.64 -21.95
N LEU C 173 -18.54 -0.64 -21.95
CA LEU C 173 -19.51 -1.19 -21.02
C LEU C 173 -18.79 -2.16 -20.11
N THR C 174 -18.47 -1.71 -18.89
CA THR C 174 -17.72 -2.50 -17.93
C THR C 174 -18.48 -2.76 -16.64
N ASN C 175 -19.35 -1.86 -16.21
CA ASN C 175 -19.98 -1.96 -14.91
C ASN C 175 -21.13 -2.97 -14.96
N GLY C 176 -21.10 -3.93 -14.04
CA GLY C 176 -22.12 -4.98 -13.98
C GLY C 176 -21.78 -6.24 -14.75
N VAL C 177 -20.59 -6.32 -15.33
CA VAL C 177 -20.21 -7.45 -16.19
C VAL C 177 -19.75 -8.60 -15.31
N ARG C 178 -20.42 -9.75 -15.45
CA ARG C 178 -20.00 -10.99 -14.82
C ARG C 178 -19.42 -11.89 -15.90
N THR C 179 -18.10 -12.06 -15.89
CA THR C 179 -17.39 -13.00 -16.76
C THR C 179 -16.86 -14.12 -15.88
N PHE C 180 -17.37 -15.32 -16.06
CA PHE C 180 -17.13 -16.42 -15.14
C PHE C 180 -15.81 -17.13 -15.45
N PRO C 181 -15.22 -17.80 -14.46
CA PRO C 181 -13.99 -18.56 -14.72
C PRO C 181 -14.20 -19.62 -15.79
N SER C 182 -13.22 -19.75 -16.68
CA SER C 182 -13.26 -20.79 -17.69
C SER C 182 -13.21 -22.17 -17.04
N VAL C 183 -13.91 -23.12 -17.66
CA VAL C 183 -13.93 -24.51 -17.24
C VAL C 183 -13.41 -25.37 -18.37
N ARG C 184 -12.47 -26.27 -18.04
CA ARG C 184 -11.96 -27.23 -19.02
C ARG C 184 -12.88 -28.44 -19.07
N GLN C 185 -13.47 -28.69 -20.24
CA GLN C 185 -14.25 -29.90 -20.43
C GLN C 185 -13.33 -31.12 -20.43
N SER C 186 -13.93 -32.31 -20.49
CA SER C 186 -13.14 -33.54 -20.50
C SER C 186 -12.32 -33.67 -21.77
N SER C 187 -12.81 -33.14 -22.88
CA SER C 187 -12.06 -33.16 -24.13
C SER C 187 -10.78 -32.33 -24.08
N GLY C 188 -10.61 -31.51 -23.04
CA GLY C 188 -9.50 -30.59 -22.96
C GLY C 188 -9.81 -29.19 -23.45
N LEU C 189 -10.95 -28.97 -24.09
CA LEU C 189 -11.34 -27.65 -24.54
C LEU C 189 -11.90 -26.82 -23.39
N TYR C 190 -11.78 -25.50 -23.54
CA TYR C 190 -12.25 -24.57 -22.52
C TYR C 190 -13.54 -23.90 -22.97
N SER C 191 -14.30 -23.43 -21.98
CA SER C 191 -15.58 -22.80 -22.22
C SER C 191 -15.85 -21.81 -21.08
N LEU C 192 -16.45 -20.68 -21.43
CA LEU C 192 -16.86 -19.72 -20.42
C LEU C 192 -18.07 -18.94 -20.93
N SER C 193 -18.77 -18.31 -20.00
CA SER C 193 -19.83 -17.38 -20.30
C SER C 193 -19.54 -16.03 -19.66
N SER C 194 -20.16 -15.00 -20.22
CA SER C 194 -20.12 -13.67 -19.65
C SER C 194 -21.48 -13.03 -19.86
N VAL C 195 -21.97 -12.32 -18.83
CA VAL C 195 -23.29 -11.73 -18.85
C VAL C 195 -23.21 -10.32 -18.28
N VAL C 196 -24.18 -9.50 -18.65
CA VAL C 196 -24.21 -8.10 -18.23
C VAL C 196 -25.63 -7.58 -18.36
N SER C 197 -25.99 -6.64 -17.49
N SER C 197 -26.00 -6.65 -17.49
CA SER C 197 -27.30 -5.96 -17.54
CA SER C 197 -27.29 -5.97 -17.55
C SER C 197 -27.14 -4.67 -18.33
C SER C 197 -27.13 -4.69 -18.34
N VAL C 198 -28.02 -4.47 -19.32
CA VAL C 198 -27.87 -3.39 -20.29
C VAL C 198 -29.09 -2.49 -20.29
N THR C 199 -28.85 -1.18 -20.35
CA THR C 199 -29.90 -0.19 -20.52
C THR C 199 -30.15 0.04 -22.01
N SER C 200 -31.14 0.88 -22.32
CA SER C 200 -31.47 1.17 -23.71
C SER C 200 -30.29 1.80 -24.45
N SER C 201 -29.47 2.60 -23.77
CA SER C 201 -28.37 3.31 -24.41
C SER C 201 -27.18 2.42 -24.72
N SER C 202 -27.13 1.21 -24.16
CA SER C 202 -26.07 0.27 -24.45
C SER C 202 -26.41 -0.66 -25.60
N GLN C 203 -27.59 -0.46 -26.25
CA GLN C 203 -28.05 -1.32 -27.33
C GLN C 203 -27.87 -0.64 -28.68
N PRO C 204 -27.60 -1.40 -29.76
CA PRO C 204 -27.43 -2.85 -29.77
C PRO C 204 -26.12 -3.25 -29.08
N VAL C 205 -26.20 -4.19 -28.14
CA VAL C 205 -25.05 -4.54 -27.31
C VAL C 205 -24.24 -5.62 -28.00
N THR C 206 -22.93 -5.50 -27.93
CA THR C 206 -22.00 -6.33 -28.69
C THR C 206 -20.92 -6.88 -27.76
N CYS C 207 -20.76 -8.20 -27.79
N CYS C 207 -20.79 -8.20 -27.72
CA CYS C 207 -19.74 -8.90 -27.03
CA CYS C 207 -19.70 -8.82 -26.98
C CYS C 207 -18.51 -9.11 -27.91
C CYS C 207 -18.53 -9.03 -27.91
N ASN C 208 -17.34 -8.64 -27.44
CA ASN C 208 -16.11 -8.74 -28.20
C ASN C 208 -15.26 -9.83 -27.58
N VAL C 209 -15.00 -10.89 -28.34
CA VAL C 209 -14.28 -12.06 -27.86
C VAL C 209 -12.95 -12.12 -28.61
N ALA C 210 -11.85 -12.20 -27.86
CA ALA C 210 -10.53 -12.27 -28.44
C ALA C 210 -9.84 -13.55 -27.99
N HIS C 211 -9.25 -14.27 -28.95
CA HIS C 211 -8.49 -15.49 -28.69
C HIS C 211 -7.14 -15.32 -29.35
N PRO C 212 -6.19 -14.69 -28.68
CA PRO C 212 -4.92 -14.37 -29.35
C PRO C 212 -4.18 -15.59 -29.88
N ALA C 213 -4.39 -16.76 -29.28
CA ALA C 213 -3.66 -17.94 -29.71
C ALA C 213 -4.02 -18.37 -31.12
N THR C 214 -5.21 -18.03 -31.61
CA THR C 214 -5.60 -18.29 -32.99
C THR C 214 -5.75 -17.03 -33.81
N ASN C 215 -5.29 -15.89 -33.30
CA ASN C 215 -5.34 -14.62 -34.03
C ASN C 215 -6.77 -14.28 -34.43
N THR C 216 -7.71 -14.51 -33.51
CA THR C 216 -9.13 -14.40 -33.79
C THR C 216 -9.76 -13.37 -32.87
N LYS C 217 -10.64 -12.56 -33.44
CA LYS C 217 -11.56 -11.72 -32.68
C LYS C 217 -12.95 -11.93 -33.26
N VAL C 218 -13.93 -12.16 -32.38
CA VAL C 218 -15.33 -12.31 -32.74
C VAL C 218 -16.12 -11.19 -32.09
N ASP C 219 -17.04 -10.59 -32.84
CA ASP C 219 -18.01 -9.63 -32.30
C ASP C 219 -19.40 -10.20 -32.52
N LYS C 220 -20.15 -10.35 -31.44
CA LYS C 220 -21.50 -10.88 -31.50
C LYS C 220 -22.45 -9.84 -30.94
N THR C 221 -23.35 -9.35 -31.79
CA THR C 221 -24.38 -8.41 -31.35
C THR C 221 -25.59 -9.21 -30.89
N VAL C 222 -25.96 -9.04 -29.62
CA VAL C 222 -26.95 -9.90 -28.97
C VAL C 222 -28.30 -9.21 -29.03
N ALA C 223 -29.29 -9.87 -29.63
CA ALA C 223 -30.64 -9.35 -29.63
C ALA C 223 -31.28 -9.54 -28.25
N PRO C 224 -32.13 -8.61 -27.81
CA PRO C 224 -32.76 -8.75 -26.48
C PRO C 224 -33.66 -9.96 -26.36
N SER C 225 -33.83 -10.71 -27.45
CA SER C 225 -34.81 -11.78 -27.51
C SER C 225 -34.18 -12.99 -28.21
N THR C 226 -34.83 -14.15 -28.07
CA THR C 226 -34.57 -15.29 -28.93
C THR C 226 -35.54 -15.34 -30.10
N CYS C 227 -36.34 -14.29 -30.29
CA CYS C 227 -37.30 -14.23 -31.38
C CYS C 227 -36.59 -13.83 -32.68
N ALA D 1 15.43 -31.21 1.99
CA ALA D 1 14.36 -30.37 1.36
C ALA D 1 13.50 -29.73 2.41
N ILE D 2 13.42 -28.39 2.38
CA ILE D 2 12.61 -27.67 3.32
C ILE D 2 11.13 -27.86 2.97
N LYS D 3 10.31 -28.02 4.00
CA LYS D 3 8.87 -28.25 3.83
C LYS D 3 8.08 -27.28 4.70
N MET D 4 7.16 -26.56 4.07
CA MET D 4 6.27 -25.64 4.74
C MET D 4 4.84 -26.16 4.68
N THR D 5 4.20 -26.28 5.84
CA THR D 5 2.87 -26.85 5.94
C THR D 5 1.94 -25.84 6.58
N GLN D 6 0.92 -25.43 5.84
CA GLN D 6 -0.05 -24.46 6.31
C GLN D 6 -1.31 -25.20 6.76
N THR D 7 -1.71 -24.98 8.01
CA THR D 7 -2.84 -25.67 8.59
C THR D 7 -3.78 -24.65 9.22
N PRO D 8 -5.08 -24.64 8.88
CA PRO D 8 -5.74 -25.52 7.91
C PRO D 8 -5.51 -25.05 6.47
N SER D 9 -6.00 -25.81 5.49
CA SER D 9 -6.01 -25.35 4.12
C SER D 9 -7.18 -24.41 3.84
N SER D 10 -8.19 -24.39 4.69
CA SER D 10 -9.36 -23.54 4.53
C SER D 10 -9.78 -22.98 5.88
N VAL D 11 -10.28 -21.74 5.87
CA VAL D 11 -10.70 -21.07 7.09
C VAL D 11 -11.64 -19.94 6.66
N SER D 12 -12.41 -19.42 7.62
CA SER D 12 -13.34 -18.34 7.31
C SER D 12 -13.76 -17.65 8.60
N ALA D 13 -14.16 -16.38 8.45
CA ALA D 13 -14.66 -15.58 9.56
C ALA D 13 -15.62 -14.53 9.03
N ALA D 14 -16.63 -14.20 9.84
CA ALA D 14 -17.56 -13.15 9.50
C ALA D 14 -16.84 -11.81 9.44
N VAL D 15 -17.47 -10.84 8.77
CA VAL D 15 -16.89 -9.51 8.70
C VAL D 15 -16.77 -8.95 10.11
N GLY D 16 -15.65 -8.26 10.37
CA GLY D 16 -15.35 -7.77 11.71
C GLY D 16 -14.57 -8.73 12.58
N GLY D 17 -14.46 -10.00 12.19
CA GLY D 17 -13.81 -11.01 13.00
C GLY D 17 -12.30 -10.96 12.92
N THR D 18 -11.68 -12.05 13.38
CA THR D 18 -10.23 -12.18 13.39
C THR D 18 -9.90 -13.62 13.01
N VAL D 19 -8.90 -13.77 12.14
CA VAL D 19 -8.45 -15.10 11.71
C VAL D 19 -6.94 -15.17 11.80
N THR D 20 -6.46 -16.37 12.11
CA THR D 20 -5.04 -16.69 12.05
C THR D 20 -4.86 -17.93 11.17
N VAL D 21 -3.78 -17.96 10.41
CA VAL D 21 -3.43 -19.11 9.60
C VAL D 21 -1.96 -19.44 9.87
N ASN D 22 -1.66 -20.71 10.04
CA ASN D 22 -0.37 -21.15 10.54
C ASN D 22 0.52 -21.65 9.40
N CYS D 23 1.83 -21.59 9.65
CA CYS D 23 2.83 -22.06 8.71
C CYS D 23 3.95 -22.72 9.53
N ARG D 24 4.07 -24.05 9.42
CA ARG D 24 5.06 -24.82 10.16
C ARG D 24 6.19 -25.23 9.23
N ALA D 25 7.42 -25.11 9.72
CA ALA D 25 8.61 -25.42 8.95
C ALA D 25 9.23 -26.72 9.44
N SER D 26 9.73 -27.53 8.51
CA SER D 26 10.36 -28.79 8.87
C SER D 26 11.68 -28.56 9.60
N GLU D 27 12.39 -27.50 9.26
CA GLU D 27 13.66 -27.17 9.90
C GLU D 27 13.59 -25.76 10.50
N ASP D 28 14.55 -25.46 11.37
CA ASP D 28 14.61 -24.14 11.96
C ASP D 28 15.07 -23.12 10.93
N ILE D 29 14.31 -22.03 10.80
CA ILE D 29 14.61 -20.99 9.81
C ILE D 29 14.66 -19.62 10.49
N GLU D 30 14.67 -19.61 11.82
CA GLU D 30 14.85 -18.37 12.58
C GLU D 30 13.66 -17.44 12.35
N SER D 31 13.84 -16.31 11.66
CA SER D 31 12.77 -15.35 11.42
CA SER D 31 12.74 -15.39 11.41
C SER D 31 12.67 -14.95 9.95
N TYR D 32 13.26 -15.73 9.05
CA TYR D 32 13.24 -15.39 7.62
C TYR D 32 12.02 -16.02 6.94
N LEU D 33 10.85 -15.44 7.22
CA LEU D 33 9.60 -15.94 6.65
C LEU D 33 8.70 -14.80 6.27
N ALA D 34 8.16 -14.85 5.05
CA ALA D 34 7.27 -13.82 4.52
C ALA D 34 5.90 -14.40 4.26
N TRP D 35 4.91 -13.51 4.17
CA TRP D 35 3.54 -13.87 3.85
C TRP D 35 3.11 -13.12 2.58
N TYR D 36 2.35 -13.80 1.73
CA TYR D 36 1.88 -13.25 0.46
C TYR D 36 0.39 -13.49 0.32
N GLN D 37 -0.28 -12.57 -0.37
CA GLN D 37 -1.71 -12.61 -0.61
C GLN D 37 -1.96 -12.72 -2.11
N GLN D 38 -2.79 -13.68 -2.51
CA GLN D 38 -3.13 -13.87 -3.92
C GLN D 38 -4.62 -14.05 -4.10
N LYS D 39 -5.20 -13.24 -4.99
CA LYS D 39 -6.58 -13.38 -5.41
C LYS D 39 -6.62 -13.92 -6.84
N PRO D 40 -7.68 -14.64 -7.21
CA PRO D 40 -7.69 -15.31 -8.53
C PRO D 40 -7.43 -14.35 -9.68
N GLY D 41 -6.51 -14.73 -10.56
CA GLY D 41 -6.20 -13.95 -11.74
C GLY D 41 -5.11 -12.92 -11.57
N GLN D 42 -4.60 -12.73 -10.36
CA GLN D 42 -3.60 -11.73 -10.06
C GLN D 42 -2.31 -12.39 -9.60
N PRO D 43 -1.18 -11.70 -9.71
CA PRO D 43 0.04 -12.19 -9.08
C PRO D 43 -0.04 -12.04 -7.57
N PRO D 44 0.74 -12.81 -6.81
CA PRO D 44 0.73 -12.65 -5.36
C PRO D 44 1.17 -11.26 -4.94
N LYS D 45 0.68 -10.81 -3.78
CA LYS D 45 1.02 -9.52 -3.21
C LYS D 45 1.70 -9.72 -1.87
N LEU D 46 2.88 -9.11 -1.71
CA LEU D 46 3.61 -9.19 -0.46
C LEU D 46 2.84 -8.51 0.65
N LEU D 47 2.73 -9.18 1.80
CA LEU D 47 2.13 -8.61 3.00
C LEU D 47 3.15 -8.36 4.10
N ILE D 48 3.83 -9.41 4.56
CA ILE D 48 4.79 -9.30 5.64
C ILE D 48 6.07 -10.04 5.25
N TYR D 49 7.20 -9.55 5.75
CA TYR D 49 8.48 -10.20 5.51
C TYR D 49 9.32 -10.14 6.78
N ASP D 50 10.34 -11.00 6.82
CA ASP D 50 11.13 -11.21 8.04
C ASP D 50 10.21 -11.43 9.24
N THR D 51 9.17 -12.23 9.04
CA THR D 51 8.27 -12.69 10.09
C THR D 51 7.23 -11.65 10.48
N SER D 52 7.64 -10.39 10.63
CA SER D 52 6.78 -9.40 11.26
C SER D 52 6.71 -8.05 10.55
N LYS D 53 7.68 -7.73 9.68
CA LYS D 53 7.72 -6.40 9.09
C LYS D 53 6.56 -6.19 8.13
N LEU D 54 5.82 -5.10 8.34
CA LEU D 54 4.72 -4.76 7.44
C LEU D 54 5.25 -4.21 6.13
N ALA D 55 4.65 -4.63 5.02
CA ALA D 55 5.06 -4.18 3.71
C ALA D 55 4.41 -2.84 3.38
N SER D 56 5.06 -2.11 2.45
CA SER D 56 4.56 -0.83 1.95
C SER D 56 3.08 -0.88 1.62
N GLY D 57 2.27 -0.13 2.37
CA GLY D 57 0.87 0.04 2.08
C GLY D 57 -0.06 -0.95 2.74
N VAL D 58 0.46 -2.04 3.29
CA VAL D 58 -0.41 -3.04 3.92
C VAL D 58 -0.98 -2.46 5.21
N PRO D 59 -2.25 -2.69 5.53
CA PRO D 59 -2.75 -2.26 6.84
C PRO D 59 -2.14 -3.10 7.95
N SER D 60 -1.87 -2.44 9.09
CA SER D 60 -1.31 -3.15 10.23
C SER D 60 -2.32 -4.07 10.90
N ARG D 61 -3.52 -4.20 10.31
CA ARG D 61 -4.43 -5.28 10.68
C ARG D 61 -3.81 -6.64 10.42
N PHE D 62 -2.79 -6.70 9.57
CA PHE D 62 -2.07 -7.93 9.25
C PHE D 62 -0.85 -8.00 10.16
N LYS D 63 -0.83 -8.98 11.07
CA LYS D 63 0.25 -9.15 12.03
C LYS D 63 0.94 -10.48 11.78
N GLY D 64 2.26 -10.44 11.70
CA GLY D 64 3.08 -11.65 11.57
C GLY D 64 3.69 -12.03 12.90
N SER D 65 3.74 -13.34 13.16
CA SER D 65 4.17 -13.86 14.45
C SER D 65 5.09 -15.06 14.25
N GLY D 66 5.88 -15.33 15.27
CA GLY D 66 6.56 -16.60 15.40
C GLY D 66 8.07 -16.51 15.23
N SER D 67 8.69 -17.69 15.22
CA SER D 67 10.14 -17.86 15.14
C SER D 67 10.44 -19.36 15.12
N GLY D 68 11.60 -19.72 14.57
CA GLY D 68 12.08 -21.08 14.62
C GLY D 68 11.42 -21.98 13.60
N THR D 69 10.35 -22.68 14.00
CA THR D 69 9.64 -23.59 13.12
C THR D 69 8.14 -23.32 13.09
N GLN D 70 7.63 -22.41 13.90
CA GLN D 70 6.21 -22.11 13.96
C GLN D 70 6.00 -20.62 13.79
N PHE D 71 5.21 -20.24 12.79
CA PHE D 71 4.83 -18.85 12.57
C PHE D 71 3.34 -18.77 12.32
N ALA D 72 2.80 -17.56 12.38
CA ALA D 72 1.38 -17.36 12.15
C ALA D 72 1.16 -16.00 11.52
N LEU D 73 0.05 -15.88 10.80
CA LEU D 73 -0.42 -14.62 10.25
C LEU D 73 -1.81 -14.35 10.80
N THR D 74 -1.95 -13.28 11.57
CA THR D 74 -3.21 -12.93 12.21
C THR D 74 -3.80 -11.71 11.53
N ILE D 75 -5.04 -11.83 11.07
CA ILE D 75 -5.75 -10.75 10.41
C ILE D 75 -6.84 -10.27 11.35
N SER D 76 -6.72 -9.03 11.81
CA SER D 76 -7.70 -8.41 12.69
C SER D 76 -8.60 -7.48 11.88
N GLY D 77 -9.84 -7.33 12.34
CA GLY D 77 -10.79 -6.50 11.63
C GLY D 77 -10.90 -6.87 10.17
N VAL D 78 -11.39 -8.09 9.89
CA VAL D 78 -11.46 -8.56 8.51
C VAL D 78 -12.34 -7.61 7.68
N GLN D 79 -12.23 -7.78 6.36
CA GLN D 79 -13.15 -7.12 5.44
C GLN D 79 -13.25 -7.99 4.19
N CYS D 80 -14.32 -7.78 3.41
CA CYS D 80 -14.56 -8.63 2.27
C CYS D 80 -13.40 -8.61 1.27
N ASP D 81 -12.61 -7.55 1.29
CA ASP D 81 -11.60 -7.36 0.25
C ASP D 81 -10.41 -8.31 0.41
N ASP D 82 -10.19 -8.86 1.60
CA ASP D 82 -9.06 -9.75 1.83
C ASP D 82 -9.45 -11.22 1.73
N ALA D 83 -10.62 -11.52 1.18
CA ALA D 83 -10.90 -12.88 0.73
C ALA D 83 -9.90 -13.27 -0.34
N ALA D 84 -9.09 -14.29 -0.05
CA ALA D 84 -8.00 -14.68 -0.92
C ALA D 84 -7.27 -15.89 -0.37
N THR D 85 -6.19 -16.30 -1.03
CA THR D 85 -5.34 -17.38 -0.55
C THR D 85 -4.03 -16.80 -0.04
N TYR D 86 -3.56 -17.31 1.09
CA TYR D 86 -2.37 -16.78 1.74
C TYR D 86 -1.28 -17.84 1.79
N TYR D 87 -0.10 -17.47 1.29
CA TYR D 87 1.05 -18.36 1.23
C TYR D 87 2.16 -17.80 2.09
N CYS D 88 2.80 -18.66 2.87
CA CYS D 88 4.09 -18.35 3.48
C CYS D 88 5.20 -18.82 2.55
N LEU D 89 6.36 -18.20 2.71
CA LEU D 89 7.52 -18.53 1.87
C LEU D 89 8.79 -18.37 2.67
N TYR D 90 9.77 -19.22 2.38
CA TYR D 90 11.12 -19.11 2.90
C TYR D 90 12.08 -19.43 1.78
N GLY D 91 13.25 -18.81 1.81
CA GLY D 91 14.20 -18.96 0.75
C GLY D 91 15.61 -18.73 1.21
N TYR D 92 16.49 -19.65 0.87
CA TYR D 92 17.90 -19.57 1.21
C TYR D 92 18.70 -20.10 0.03
N ILE D 93 19.77 -19.40 -0.33
CA ILE D 93 20.64 -19.81 -1.41
C ILE D 93 22.08 -19.67 -0.97
N SER D 94 22.95 -20.42 -1.64
CA SER D 94 24.35 -20.56 -1.25
C SER D 94 25.08 -21.20 -2.42
N SER D 95 26.39 -21.32 -2.28
CA SER D 95 27.19 -22.13 -3.20
C SER D 95 27.00 -23.62 -2.98
N ASP D 96 26.40 -24.01 -1.85
CA ASP D 96 26.41 -25.40 -1.39
C ASP D 96 25.03 -25.96 -1.05
N ARG D 97 24.00 -25.13 -0.95
CA ARG D 97 22.71 -25.60 -0.47
C ARG D 97 21.65 -24.61 -0.93
N ILE D 98 20.60 -25.13 -1.57
CA ILE D 98 19.50 -24.33 -2.08
C ILE D 98 18.22 -24.88 -1.48
N ASP D 99 17.57 -24.09 -0.63
CA ASP D 99 16.34 -24.49 0.04
C ASP D 99 15.31 -23.39 -0.16
N PHE D 100 14.29 -23.69 -0.97
CA PHE D 100 13.24 -22.75 -1.28
C PHE D 100 11.91 -23.50 -1.18
N GLY D 101 10.89 -22.82 -0.66
CA GLY D 101 9.60 -23.46 -0.55
C GLY D 101 8.47 -22.54 -0.16
N PHE D 102 7.43 -22.49 -0.99
CA PHE D 102 6.16 -21.92 -0.60
C PHE D 102 5.41 -22.90 0.30
N GLY D 103 4.48 -22.34 1.08
CA GLY D 103 3.50 -23.16 1.75
C GLY D 103 2.43 -23.63 0.77
N GLY D 104 1.62 -24.59 1.24
CA GLY D 104 0.54 -25.10 0.41
C GLY D 104 -0.59 -24.11 0.18
N GLY D 105 -0.76 -23.16 1.07
CA GLY D 105 -1.75 -22.11 0.92
C GLY D 105 -2.97 -22.34 1.79
N THR D 106 -3.62 -21.24 2.17
CA THR D 106 -4.84 -21.29 2.96
C THR D 106 -5.88 -20.37 2.33
N GLU D 107 -7.04 -20.94 2.02
CA GLU D 107 -8.14 -20.21 1.43
C GLU D 107 -8.99 -19.59 2.55
N LEU D 108 -9.13 -18.26 2.53
CA LEU D 108 -9.96 -17.56 3.50
C LEU D 108 -11.23 -17.07 2.82
N VAL D 109 -12.37 -17.60 3.28
CA VAL D 109 -13.68 -17.14 2.86
C VAL D 109 -14.20 -16.15 3.90
N VAL D 110 -14.73 -15.03 3.44
CA VAL D 110 -15.26 -13.99 4.32
C VAL D 110 -16.78 -14.10 4.33
N LYS D 111 -17.35 -14.41 5.49
CA LYS D 111 -18.79 -14.51 5.62
C LYS D 111 -19.40 -13.13 5.79
N GLY D 112 -20.24 -12.73 4.83
CA GLY D 112 -20.95 -11.48 4.87
C GLY D 112 -22.43 -11.67 5.11
N ASP D 113 -23.19 -10.62 4.79
CA ASP D 113 -24.61 -10.64 5.05
C ASP D 113 -25.31 -11.58 4.05
N PRO D 114 -26.25 -12.41 4.51
CA PRO D 114 -26.94 -13.30 3.56
C PRO D 114 -27.68 -12.51 2.49
N VAL D 115 -27.63 -13.03 1.26
CA VAL D 115 -28.36 -12.46 0.13
C VAL D 115 -28.84 -13.61 -0.73
N ALA D 116 -30.13 -13.65 -1.02
CA ALA D 116 -30.65 -14.71 -1.86
C ALA D 116 -30.34 -14.42 -3.33
N PRO D 117 -30.16 -15.46 -4.14
CA PRO D 117 -29.77 -15.24 -5.53
C PRO D 117 -30.94 -14.88 -6.43
N SER D 118 -30.64 -14.02 -7.41
CA SER D 118 -31.47 -13.90 -8.59
C SER D 118 -31.04 -14.94 -9.62
N VAL D 119 -32.00 -15.43 -10.39
CA VAL D 119 -31.76 -16.55 -11.31
C VAL D 119 -32.27 -16.20 -12.70
N LEU D 120 -31.42 -16.40 -13.70
CA LEU D 120 -31.78 -16.24 -15.10
C LEU D 120 -31.42 -17.53 -15.83
N ILE D 121 -32.28 -17.95 -16.75
CA ILE D 121 -32.01 -19.08 -17.62
C ILE D 121 -31.93 -18.59 -19.05
N PHE D 122 -31.05 -19.18 -19.83
CA PHE D 122 -30.81 -18.77 -21.21
C PHE D 122 -30.95 -19.98 -22.12
N PRO D 123 -32.00 -20.05 -22.94
CA PRO D 123 -32.10 -21.17 -23.87
C PRO D 123 -31.01 -21.10 -24.93
N PRO D 124 -30.66 -22.22 -25.53
CA PRO D 124 -29.58 -22.19 -26.53
C PRO D 124 -29.97 -21.31 -27.72
N ALA D 125 -29.00 -20.50 -28.16
CA ALA D 125 -29.20 -19.71 -29.37
C ALA D 125 -29.57 -20.63 -30.54
N ALA D 126 -30.26 -20.10 -31.54
CA ALA D 126 -30.86 -20.92 -32.59
C ALA D 126 -29.81 -21.72 -33.37
N ASP D 127 -28.58 -21.22 -33.47
CA ASP D 127 -27.56 -21.86 -34.29
C ASP D 127 -26.74 -22.92 -33.55
N GLN D 128 -27.06 -23.20 -32.29
CA GLN D 128 -26.34 -24.25 -31.57
C GLN D 128 -26.71 -25.64 -32.09
N VAL D 129 -28.02 -25.90 -32.23
CA VAL D 129 -28.48 -27.27 -32.43
C VAL D 129 -27.88 -27.88 -33.68
N ALA D 130 -27.69 -27.08 -34.73
CA ALA D 130 -27.11 -27.60 -35.97
C ALA D 130 -25.72 -28.16 -35.76
N THR D 131 -25.00 -27.68 -34.75
CA THR D 131 -23.65 -28.16 -34.49
C THR D 131 -23.62 -29.52 -33.83
N GLY D 132 -24.79 -30.10 -33.52
CA GLY D 132 -24.88 -31.42 -32.93
C GLY D 132 -24.97 -31.43 -31.42
N THR D 133 -24.47 -30.41 -30.74
CA THR D 133 -24.55 -30.33 -29.29
C THR D 133 -25.20 -29.02 -28.88
N VAL D 134 -25.89 -29.05 -27.75
CA VAL D 134 -26.64 -27.90 -27.24
C VAL D 134 -26.17 -27.62 -25.82
N THR D 135 -26.01 -26.34 -25.51
CA THR D 135 -25.51 -25.89 -24.21
C THR D 135 -26.50 -24.90 -23.61
N ILE D 136 -27.11 -25.28 -22.49
CA ILE D 136 -28.06 -24.44 -21.76
C ILE D 136 -27.33 -23.78 -20.59
N VAL D 137 -27.49 -22.48 -20.44
CA VAL D 137 -26.77 -21.69 -19.44
C VAL D 137 -27.77 -21.08 -18.48
N CYS D 138 -27.48 -21.24 -17.18
CA CYS D 138 -28.30 -20.68 -16.11
C CYS D 138 -27.35 -19.96 -15.15
N VAL D 139 -27.73 -18.75 -14.76
CA VAL D 139 -26.89 -17.88 -13.94
C VAL D 139 -27.60 -17.57 -12.63
N ALA D 140 -26.86 -17.67 -11.53
CA ALA D 140 -27.29 -17.26 -10.19
C ALA D 140 -26.46 -16.05 -9.77
N ASN D 141 -27.12 -14.93 -9.50
CA ASN D 141 -26.45 -13.66 -9.31
C ASN D 141 -26.52 -13.19 -7.86
N LYS D 142 -25.46 -12.51 -7.43
CA LYS D 142 -25.41 -11.78 -6.17
C LYS D 142 -26.03 -12.56 -5.01
N TYR D 143 -25.25 -13.44 -4.39
CA TYR D 143 -25.77 -14.22 -3.28
C TYR D 143 -24.65 -14.64 -2.35
N PHE D 144 -25.04 -14.93 -1.12
CA PHE D 144 -24.22 -15.56 -0.08
C PHE D 144 -25.19 -16.09 0.95
N PRO D 145 -25.00 -17.31 1.49
CA PRO D 145 -23.96 -18.34 1.38
C PRO D 145 -23.96 -19.12 0.05
N ASP D 146 -23.12 -20.14 -0.05
CA ASP D 146 -23.02 -20.93 -1.28
C ASP D 146 -24.36 -21.58 -1.60
N VAL D 147 -24.60 -21.81 -2.90
CA VAL D 147 -25.83 -22.39 -3.38
C VAL D 147 -25.55 -23.78 -3.96
N THR D 148 -26.62 -24.50 -4.23
CA THR D 148 -26.60 -25.73 -5.02
C THR D 148 -27.50 -25.54 -6.23
N VAL D 149 -27.11 -26.13 -7.35
CA VAL D 149 -27.87 -26.06 -8.58
C VAL D 149 -28.30 -27.46 -8.98
N THR D 150 -29.53 -27.58 -9.44
CA THR D 150 -30.07 -28.84 -9.94
C THR D 150 -30.75 -28.57 -11.27
N TRP D 151 -30.63 -29.53 -12.19
CA TRP D 151 -31.22 -29.42 -13.52
C TRP D 151 -32.30 -30.47 -13.68
N GLU D 152 -33.42 -30.08 -14.26
CA GLU D 152 -34.55 -30.96 -14.49
C GLU D 152 -34.93 -30.90 -15.96
N VAL D 153 -35.02 -32.06 -16.60
CA VAL D 153 -35.47 -32.18 -17.98
C VAL D 153 -36.75 -33.02 -17.94
N ASP D 154 -37.90 -32.37 -18.10
CA ASP D 154 -39.19 -33.02 -17.96
C ASP D 154 -39.27 -33.80 -16.65
N GLY D 155 -38.87 -33.13 -15.58
CA GLY D 155 -38.90 -33.71 -14.24
C GLY D 155 -37.70 -34.56 -13.87
N THR D 156 -37.11 -35.26 -14.84
CA THR D 156 -36.00 -36.15 -14.55
C THR D 156 -34.75 -35.33 -14.18
N THR D 157 -34.24 -35.55 -12.98
CA THR D 157 -33.01 -34.90 -12.56
C THR D 157 -31.86 -35.35 -13.44
N GLN D 158 -31.03 -34.39 -13.86
CA GLN D 158 -29.90 -34.67 -14.72
C GLN D 158 -28.63 -34.84 -13.89
N THR D 159 -27.86 -35.88 -14.20
CA THR D 159 -26.61 -36.16 -13.50
C THR D 159 -25.38 -35.87 -14.35
N THR D 160 -25.51 -35.91 -15.67
CA THR D 160 -24.37 -35.76 -16.57
C THR D 160 -24.49 -34.48 -17.39
N GLY D 161 -23.34 -33.94 -17.77
CA GLY D 161 -23.29 -32.79 -18.65
C GLY D 161 -23.38 -31.44 -17.97
N ILE D 162 -23.01 -31.34 -16.69
CA ILE D 162 -23.17 -30.13 -15.92
C ILE D 162 -21.80 -29.65 -15.47
N GLU D 163 -21.51 -28.37 -15.73
CA GLU D 163 -20.29 -27.73 -15.26
C GLU D 163 -20.68 -26.42 -14.60
N ASN D 164 -20.20 -26.20 -13.38
CA ASN D 164 -20.45 -24.97 -12.65
C ASN D 164 -19.15 -24.19 -12.51
N SER D 165 -19.26 -22.86 -12.55
CA SER D 165 -18.12 -21.98 -12.42
C SER D 165 -18.51 -20.79 -11.56
N LYS D 166 -17.80 -20.60 -10.45
CA LYS D 166 -18.18 -19.62 -9.44
C LYS D 166 -17.16 -18.50 -9.44
N THR D 167 -17.65 -17.25 -9.54
CA THR D 167 -16.77 -16.11 -9.46
C THR D 167 -16.10 -16.04 -8.10
N PRO D 168 -15.04 -15.26 -7.96
CA PRO D 168 -14.51 -14.95 -6.63
C PRO D 168 -15.50 -14.09 -5.87
N GLN D 169 -15.31 -14.05 -4.55
CA GLN D 169 -16.15 -13.22 -3.72
C GLN D 169 -15.96 -11.76 -4.09
N ASN D 170 -17.05 -11.00 -4.01
CA ASN D 170 -17.05 -9.62 -4.46
C ASN D 170 -16.16 -8.76 -3.56
N SER D 171 -15.59 -7.71 -4.16
CA SER D 171 -14.70 -6.81 -3.42
C SER D 171 -15.39 -6.26 -2.17
N ALA D 172 -16.70 -6.00 -2.25
CA ALA D 172 -17.38 -5.17 -1.26
C ALA D 172 -18.58 -5.82 -0.59
N ASP D 173 -19.20 -6.83 -1.19
CA ASP D 173 -20.40 -7.44 -0.63
C ASP D 173 -20.22 -8.91 -0.26
N CYS D 174 -19.07 -9.51 -0.55
CA CYS D 174 -18.78 -10.90 -0.24
C CYS D 174 -19.68 -11.87 -1.00
N THR D 175 -20.45 -11.38 -1.97
CA THR D 175 -21.40 -12.22 -2.68
C THR D 175 -20.75 -12.95 -3.85
N TYR D 176 -21.32 -14.10 -4.20
CA TYR D 176 -20.88 -14.87 -5.35
C TYR D 176 -21.78 -14.61 -6.55
N ASN D 177 -21.24 -14.92 -7.74
CA ASN D 177 -22.00 -15.13 -8.95
C ASN D 177 -21.63 -16.50 -9.49
N LEU D 178 -22.60 -17.21 -10.06
CA LEU D 178 -22.38 -18.58 -10.50
C LEU D 178 -23.01 -18.83 -11.85
N SER D 179 -22.28 -19.58 -12.68
CA SER D 179 -22.76 -20.10 -13.96
C SER D 179 -22.95 -21.60 -13.83
N SER D 180 -24.09 -22.10 -14.28
CA SER D 180 -24.33 -23.53 -14.39
C SER D 180 -24.72 -23.82 -15.83
N THR D 181 -24.11 -24.86 -16.39
CA THR D 181 -24.22 -25.14 -17.82
C THR D 181 -24.58 -26.60 -18.00
N LEU D 182 -25.66 -26.86 -18.72
CA LEU D 182 -26.07 -28.20 -19.09
C LEU D 182 -25.80 -28.40 -20.58
N THR D 183 -25.09 -29.47 -20.93
CA THR D 183 -24.73 -29.78 -22.30
C THR D 183 -25.37 -31.09 -22.71
N LEU D 184 -26.08 -31.08 -23.83
CA LEU D 184 -26.72 -32.26 -24.38
C LEU D 184 -26.43 -32.33 -25.88
N THR D 185 -26.57 -33.54 -26.44
CA THR D 185 -26.59 -33.65 -27.88
C THR D 185 -27.85 -32.98 -28.43
N SER D 186 -27.85 -32.71 -29.73
CA SER D 186 -29.07 -32.21 -30.36
C SER D 186 -30.18 -33.23 -30.26
N THR D 187 -29.83 -34.52 -30.36
CA THR D 187 -30.77 -35.62 -30.19
C THR D 187 -31.51 -35.48 -28.86
N GLN D 188 -30.77 -35.56 -27.76
CA GLN D 188 -31.38 -35.44 -26.43
C GLN D 188 -32.23 -34.18 -26.32
N TYR D 189 -31.69 -33.05 -26.78
CA TYR D 189 -32.35 -31.76 -26.54
C TYR D 189 -33.72 -31.72 -27.20
N ASN D 190 -33.82 -32.13 -28.46
CA ASN D 190 -35.10 -32.12 -29.16
C ASN D 190 -36.03 -33.23 -28.69
N SER D 191 -35.54 -34.19 -27.92
CA SER D 191 -36.36 -35.30 -27.42
C SER D 191 -37.07 -34.97 -26.10
N HIS D 192 -36.85 -33.77 -25.56
CA HIS D 192 -37.50 -33.33 -24.34
C HIS D 192 -37.98 -31.90 -24.53
N LYS D 193 -38.83 -31.41 -23.63
CA LYS D 193 -39.54 -30.16 -23.86
C LYS D 193 -39.27 -29.10 -22.81
N GLU D 194 -39.47 -29.40 -21.53
CA GLU D 194 -39.32 -28.39 -20.48
C GLU D 194 -37.95 -28.52 -19.83
N TYR D 195 -37.24 -27.40 -19.75
CA TYR D 195 -35.90 -27.32 -19.19
C TYR D 195 -35.92 -26.32 -18.04
N THR D 196 -35.54 -26.80 -16.86
CA THR D 196 -35.69 -26.05 -15.62
C THR D 196 -34.36 -26.00 -14.89
N CYS D 197 -34.08 -24.85 -14.29
CA CYS D 197 -32.87 -24.61 -13.49
C CYS D 197 -33.33 -24.22 -12.09
N LYS D 198 -32.84 -24.96 -11.08
CA LYS D 198 -33.28 -24.80 -9.70
C LYS D 198 -32.08 -24.48 -8.81
N VAL D 199 -32.02 -23.24 -8.35
CA VAL D 199 -30.94 -22.75 -7.48
C VAL D 199 -31.45 -22.79 -6.04
N THR D 200 -30.77 -23.56 -5.19
CA THR D 200 -31.16 -23.76 -3.80
C THR D 200 -30.13 -23.13 -2.88
N GLN D 201 -30.61 -22.30 -1.94
CA GLN D 201 -29.75 -21.66 -0.93
C GLN D 201 -30.34 -21.99 0.44
N GLY D 202 -30.10 -23.20 0.92
CA GLY D 202 -30.61 -23.62 2.21
C GLY D 202 -32.08 -24.00 2.14
N THR D 203 -32.92 -23.22 2.82
CA THR D 203 -34.35 -23.47 2.83
C THR D 203 -35.08 -22.78 1.68
N THR D 204 -34.45 -21.82 1.02
CA THR D 204 -35.04 -21.12 -0.11
C THR D 204 -34.56 -21.72 -1.44
N SER D 205 -35.43 -21.64 -2.45
CA SER D 205 -35.07 -22.04 -3.80
C SER D 205 -35.65 -21.04 -4.79
N VAL D 206 -34.99 -20.91 -5.94
CA VAL D 206 -35.50 -20.15 -7.07
C VAL D 206 -35.43 -21.04 -8.29
N VAL D 207 -36.47 -21.00 -9.11
CA VAL D 207 -36.60 -21.86 -10.28
C VAL D 207 -36.87 -20.99 -11.50
N GLN D 208 -36.12 -21.25 -12.57
CA GLN D 208 -36.38 -20.66 -13.88
C GLN D 208 -36.55 -21.78 -14.89
N SER D 209 -37.37 -21.53 -15.91
CA SER D 209 -37.69 -22.57 -16.88
C SER D 209 -38.00 -21.96 -18.24
N PHE D 210 -37.88 -22.81 -19.26
CA PHE D 210 -38.36 -22.50 -20.59
C PHE D 210 -38.77 -23.80 -21.24
N ASN D 211 -39.58 -23.71 -22.29
CA ASN D 211 -39.99 -24.86 -23.08
C ASN D 211 -39.41 -24.75 -24.47
N ARG D 212 -38.83 -25.85 -24.95
CA ARG D 212 -38.08 -25.83 -26.21
C ARG D 212 -38.89 -25.19 -27.32
N GLY D 213 -40.18 -25.50 -27.40
CA GLY D 213 -41.01 -24.99 -28.48
C GLY D 213 -41.08 -23.47 -28.54
N ASP D 214 -40.79 -22.78 -27.46
CA ASP D 214 -40.89 -21.33 -27.40
C ASP D 214 -39.52 -20.66 -27.37
#